data_4OLS
#
_entry.id   4OLS
#
_cell.length_a   135.400
_cell.length_b   135.400
_cell.length_c   107.077
_cell.angle_alpha   90.00
_cell.angle_beta   90.00
_cell.angle_gamma   120.00
#
_symmetry.space_group_name_H-M   'P 63'
#
loop_
_entity.id
_entity.type
_entity.pdbx_description
1 polymer Endolysin
2 non-polymer 'ZINC ION'
3 non-polymer 'MAGNESIUM ION'
4 non-polymer 'FE (III) ION'
5 water water
#
_entity_poly.entity_id   1
_entity_poly.type   'polypeptide(L)'
_entity_poly.pdbx_seq_one_letter_code
;SNAAGTTVKKETAKKSASKTPAPKKKATLKVSKNHINYTMDKRGKKPEGMVIHNDAGRSSGQQYENSLANAGYARYANGI
AHYYGSEGYVWEAIDAKNQIAWHTGDGTGANSGNFRFAGIEVCQSMSASDAQFLKNEQAVFQFTAEKFKEWGLTPNRKTV
RLHMEFVPTACPHRSMVLHTGFNPVTQGRPSQAIMNKLKDYFIKQIKNYMDKGTSSSTVVKDGKTSSASTPATRPVTGSW
KK
;
_entity_poly.pdbx_strand_id   A,B,C,D
#
loop_
_chem_comp.id
_chem_comp.type
_chem_comp.name
_chem_comp.formula
FE non-polymer 'FE (III) ION' 'Fe 3'
MG non-polymer 'MAGNESIUM ION' 'Mg 2'
ZN non-polymer 'ZINC ION' 'Zn 2'
#
# COMPACT_ATOMS: atom_id res chain seq x y z
N THR A 28 15.01 35.90 0.52
CA THR A 28 15.83 35.36 -0.57
C THR A 28 16.81 34.30 -0.06
N LEU A 29 16.86 33.17 -0.76
CA LEU A 29 17.57 32.00 -0.29
C LEU A 29 18.83 31.72 -1.11
N LYS A 30 19.98 31.73 -0.47
CA LYS A 30 21.23 31.36 -1.15
C LYS A 30 21.45 29.87 -1.03
N VAL A 31 21.73 29.21 -2.15
CA VAL A 31 22.09 27.81 -2.15
C VAL A 31 23.54 27.69 -2.55
N SER A 32 24.34 27.05 -1.71
CA SER A 32 25.75 26.88 -2.01
C SER A 32 26.03 25.45 -2.42
N LYS A 33 26.33 25.25 -3.70
CA LYS A 33 26.74 23.93 -4.19
C LYS A 33 28.23 23.77 -4.00
N ASN A 34 28.61 23.04 -2.96
CA ASN A 34 30.01 22.88 -2.59
C ASN A 34 30.13 21.49 -2.03
N HIS A 35 30.29 20.51 -2.92
CA HIS A 35 30.16 19.10 -2.57
C HIS A 35 31.28 18.55 -1.69
N ILE A 36 30.93 17.63 -0.80
CA ILE A 36 31.89 17.05 0.12
C ILE A 36 33.04 16.37 -0.60
N ASN A 37 34.09 16.12 0.17
CA ASN A 37 35.35 15.59 -0.31
C ASN A 37 35.30 14.07 -0.31
N TYR A 38 34.24 13.53 -0.92
CA TYR A 38 33.98 12.10 -0.96
C TYR A 38 32.86 11.88 -1.97
N THR A 39 32.82 10.69 -2.57
CA THR A 39 31.85 10.43 -3.63
C THR A 39 30.85 9.36 -3.18
N MET A 40 29.60 9.77 -3.04
CA MET A 40 28.54 8.88 -2.56
C MET A 40 28.03 8.00 -3.70
N ASP A 41 27.58 6.80 -3.36
CA ASP A 41 27.03 5.87 -4.35
C ASP A 41 25.83 6.44 -5.10
N LYS A 42 25.67 6.01 -6.35
CA LYS A 42 24.54 6.44 -7.16
C LYS A 42 23.29 5.67 -6.78
N ARG A 43 22.14 6.32 -6.90
CA ARG A 43 20.87 5.67 -6.54
C ARG A 43 20.25 4.98 -7.76
N GLY A 44 20.35 5.62 -8.92
CA GLY A 44 19.77 5.08 -10.14
C GLY A 44 18.39 5.64 -10.43
N LYS A 45 17.94 6.57 -9.59
CA LYS A 45 16.63 7.20 -9.72
C LYS A 45 16.52 8.40 -8.77
N LYS A 46 15.56 9.28 -9.04
CA LYS A 46 15.33 10.46 -8.21
C LYS A 46 14.90 10.08 -6.77
N PRO A 47 15.05 11.03 -5.83
CA PRO A 47 14.61 10.72 -4.46
C PRO A 47 13.11 10.44 -4.39
N GLU A 48 12.71 9.67 -3.39
CA GLU A 48 11.32 9.32 -3.16
C GLU A 48 10.66 10.40 -2.32
N GLY A 49 11.49 11.18 -1.64
CA GLY A 49 10.98 12.26 -0.80
C GLY A 49 12.10 12.92 -0.04
N MET A 50 11.75 13.56 1.08
CA MET A 50 12.73 14.27 1.89
C MET A 50 12.52 13.93 3.34
N VAL A 51 13.58 13.52 4.02
CA VAL A 51 13.56 13.40 5.47
C VAL A 51 14.06 14.72 6.04
N ILE A 52 13.22 15.33 6.90
CA ILE A 52 13.58 16.60 7.53
C ILE A 52 14.10 16.34 8.92
N HIS A 53 15.41 16.54 9.10
CA HIS A 53 16.08 16.31 10.37
C HIS A 53 16.26 17.61 11.11
N ASN A 54 16.62 17.50 12.38
CA ASN A 54 17.22 18.61 13.09
C ASN A 54 18.69 18.23 13.27
N ASP A 55 19.59 19.20 13.27
CA ASP A 55 21.02 18.86 13.41
C ASP A 55 21.38 18.44 14.83
N ALA A 56 20.52 18.73 15.81
CA ALA A 56 20.87 18.55 17.22
C ALA A 56 22.23 19.18 17.50
N GLY A 57 22.42 20.38 16.96
CA GLY A 57 23.73 21.00 16.97
C GLY A 57 23.69 22.51 17.12
N ARG A 58 24.83 23.15 16.85
CA ARG A 58 25.05 24.53 17.25
C ARG A 58 25.60 25.39 16.11
N SER A 59 25.60 24.84 14.89
CA SER A 59 26.15 25.52 13.71
C SER A 59 25.09 25.87 12.66
N SER A 60 25.29 27.01 11.99
CA SER A 60 24.45 27.40 10.87
C SER A 60 24.83 26.57 9.65
N GLY A 61 24.04 26.70 8.58
CA GLY A 61 24.34 26.00 7.34
C GLY A 61 25.72 26.33 6.82
N GLN A 62 26.09 27.61 6.90
CA GLN A 62 27.40 28.08 6.44
C GLN A 62 28.52 27.50 7.30
N GLN A 63 28.26 27.37 8.60
CA GLN A 63 29.31 26.88 9.48
C GLN A 63 29.55 25.41 9.20
N TYR A 64 28.48 24.65 8.95
CA TYR A 64 28.67 23.25 8.58
C TYR A 64 29.46 23.16 7.29
N GLU A 65 29.12 24.01 6.33
CA GLU A 65 29.82 24.02 5.06
C GLU A 65 31.32 24.30 5.26
N ASN A 66 31.64 25.30 6.05
CA ASN A 66 32.99 25.71 6.28
C ASN A 66 33.79 24.61 6.89
N SER A 67 33.17 23.82 7.72
CA SER A 67 33.88 22.77 8.37
C SER A 67 33.84 21.39 7.71
N LEU A 68 32.87 21.16 6.87
CA LEU A 68 32.63 19.86 6.28
C LEU A 68 32.73 19.67 4.78
N ALA A 69 32.71 20.72 4.00
CA ALA A 69 32.79 20.61 2.56
C ALA A 69 34.12 19.96 2.08
N ASN A 70 35.18 20.36 2.72
CA ASN A 70 36.47 19.84 2.48
C ASN A 70 36.99 19.25 3.77
N ALA A 71 36.66 18.01 4.00
CA ALA A 71 36.98 17.33 5.25
C ALA A 71 37.39 15.88 5.03
N GLY A 72 37.94 15.25 6.06
CA GLY A 72 38.38 13.88 5.93
C GLY A 72 37.24 12.88 6.09
N TYR A 73 37.46 11.65 5.66
CA TYR A 73 36.43 10.62 5.73
C TYR A 73 35.95 10.33 7.16
N ALA A 74 36.81 10.61 8.14
CA ALA A 74 36.46 10.39 9.55
C ALA A 74 35.23 11.20 9.94
N ARG A 75 35.13 12.42 9.46
CA ARG A 75 33.96 13.24 9.62
C ARG A 75 32.73 12.73 8.89
N TYR A 76 32.88 12.27 7.67
CA TYR A 76 31.73 11.80 6.90
C TYR A 76 31.17 10.49 7.44
N ALA A 77 32.06 9.61 7.89
CA ALA A 77 31.66 8.29 8.38
C ALA A 77 30.69 8.38 9.55
N ASN A 78 30.73 9.50 10.29
CA ASN A 78 29.77 9.75 11.38
C ASN A 78 28.40 10.25 10.90
N GLY A 79 28.21 10.31 9.58
CA GLY A 79 26.95 10.79 9.03
C GLY A 79 27.12 12.10 8.27
N ILE A 80 26.45 12.20 7.13
CA ILE A 80 26.45 13.42 6.32
C ILE A 80 25.17 13.44 5.50
N ALA A 81 24.38 14.50 5.65
CA ALA A 81 23.11 14.63 4.93
C ALA A 81 23.36 15.29 3.58
N HIS A 82 22.35 15.32 2.72
CA HIS A 82 22.50 15.97 1.42
C HIS A 82 22.58 17.49 1.59
N TYR A 83 21.77 18.02 2.51
CA TYR A 83 21.59 19.47 2.61
C TYR A 83 21.56 19.92 4.05
N TYR A 84 22.08 21.12 4.29
CA TYR A 84 22.07 21.74 5.62
C TYR A 84 21.50 23.13 5.50
N GLY A 85 20.37 23.36 6.16
CA GLY A 85 19.66 24.62 5.99
C GLY A 85 19.47 25.42 7.25
N SER A 86 19.60 26.74 7.12
CA SER A 86 19.25 27.67 8.17
C SER A 86 18.81 28.95 7.48
N GLU A 87 18.45 29.98 8.23
CA GLU A 87 17.81 31.14 7.62
C GLU A 87 18.64 31.73 6.49
N GLY A 88 18.01 31.89 5.33
CA GLY A 88 18.65 32.51 4.19
C GLY A 88 19.70 31.67 3.47
N TYR A 89 19.96 30.45 3.95
CA TYR A 89 21.11 29.68 3.43
C TYR A 89 20.95 28.16 3.47
N VAL A 90 21.19 27.51 2.33
CA VAL A 90 21.27 26.06 2.30
C VAL A 90 22.59 25.64 1.67
N TRP A 91 23.35 24.81 2.39
CA TRP A 91 24.55 24.20 1.83
C TRP A 91 24.14 22.87 1.23
N GLU A 92 24.43 22.69 -0.06
CA GLU A 92 24.25 21.39 -0.69
C GLU A 92 25.56 20.61 -0.62
N ALA A 93 25.61 19.64 0.29
CA ALA A 93 26.78 18.79 0.47
C ALA A 93 26.83 17.67 -0.58
N ILE A 94 25.66 17.13 -0.89
CA ILE A 94 25.55 16.07 -1.89
C ILE A 94 24.33 16.34 -2.73
N ASP A 95 24.46 16.27 -4.05
CA ASP A 95 23.28 16.42 -4.92
C ASP A 95 22.43 15.15 -4.80
N ALA A 96 21.26 15.28 -4.16
CA ALA A 96 20.39 14.12 -3.91
C ALA A 96 19.76 13.54 -5.16
N LYS A 97 19.84 14.27 -6.27
CA LYS A 97 19.17 13.85 -7.50
C LYS A 97 19.46 12.40 -7.85
N ASN A 98 20.72 12.00 -7.76
CA ASN A 98 21.13 10.63 -8.09
C ASN A 98 22.12 10.05 -7.10
N GLN A 99 22.38 10.76 -6.00
CA GLN A 99 23.31 10.24 -4.99
C GLN A 99 22.68 10.11 -3.62
N ILE A 100 23.09 9.08 -2.90
CA ILE A 100 22.54 8.84 -1.58
C ILE A 100 23.31 9.65 -0.55
N ALA A 101 22.90 9.53 0.71
CA ALA A 101 23.62 10.14 1.81
C ALA A 101 23.47 9.26 3.02
N TRP A 102 24.13 9.64 4.10
CA TRP A 102 24.09 8.86 5.32
C TRP A 102 23.40 9.70 6.38
N HIS A 103 22.08 9.59 6.46
CA HIS A 103 21.33 10.50 7.33
C HIS A 103 20.33 9.84 8.27
N THR A 104 19.78 8.69 7.88
CA THR A 104 18.78 8.04 8.74
C THR A 104 19.30 6.85 9.53
N GLY A 105 20.55 6.44 9.30
CA GLY A 105 21.19 5.44 10.13
C GLY A 105 20.62 4.04 10.00
N ASP A 106 19.99 3.75 8.88
CA ASP A 106 19.38 2.43 8.69
C ASP A 106 20.08 1.65 7.60
N GLY A 107 21.40 1.83 7.50
CA GLY A 107 22.22 1.12 6.54
C GLY A 107 22.04 1.67 5.14
N THR A 108 22.45 0.90 4.15
CA THR A 108 22.45 1.37 2.78
C THR A 108 21.68 0.48 1.82
N GLY A 109 20.89 -0.44 2.37
CA GLY A 109 20.06 -1.29 1.55
C GLY A 109 19.02 -0.52 0.77
N ALA A 110 18.43 -1.17 -0.24
CA ALA A 110 17.48 -0.52 -1.14
C ALA A 110 16.17 -0.10 -0.46
N ASN A 111 15.96 -0.54 0.77
CA ASN A 111 14.78 -0.15 1.53
C ASN A 111 15.09 0.86 2.63
N SER A 112 16.37 1.21 2.75
CA SER A 112 16.80 2.20 3.74
C SER A 112 16.36 3.60 3.33
N GLY A 113 16.19 4.47 4.32
CA GLY A 113 15.94 5.87 4.05
C GLY A 113 17.14 6.53 3.39
N ASN A 114 18.34 6.06 3.75
CA ASN A 114 19.56 6.53 3.13
C ASN A 114 19.57 6.37 1.62
N PHE A 115 19.03 5.25 1.15
CA PHE A 115 18.99 4.98 -0.28
C PHE A 115 17.86 5.74 -0.96
N ARG A 116 16.68 5.71 -0.34
CA ARG A 116 15.46 6.17 -1.00
C ARG A 116 15.19 7.67 -0.89
N PHE A 117 15.60 8.27 0.22
CA PHE A 117 15.16 9.63 0.55
C PHE A 117 16.31 10.63 0.58
N ALA A 118 16.06 11.84 0.11
CA ALA A 118 16.99 12.93 0.31
C ALA A 118 16.90 13.29 1.80
N GLY A 119 17.97 13.87 2.34
CA GLY A 119 17.95 14.28 3.73
C GLY A 119 18.42 15.72 3.87
N ILE A 120 17.64 16.52 4.59
CA ILE A 120 18.04 17.87 4.90
C ILE A 120 17.99 18.10 6.42
N GLU A 121 18.98 18.83 6.94
CA GLU A 121 18.97 19.19 8.36
C GLU A 121 18.58 20.65 8.57
N VAL A 122 17.63 20.88 9.48
CA VAL A 122 17.40 22.23 9.98
C VAL A 122 18.47 22.50 11.05
N CYS A 123 19.30 23.53 10.86
CA CYS A 123 20.48 23.70 11.70
C CYS A 123 20.26 24.53 12.95
N GLN A 124 21.22 24.50 13.87
CA GLN A 124 21.12 25.20 15.15
C GLN A 124 19.94 24.75 16.01
N SER A 125 19.54 23.49 15.89
CA SER A 125 18.33 23.04 16.61
C SER A 125 18.49 23.05 18.13
N MET A 126 19.72 23.17 18.62
CA MET A 126 19.93 23.33 20.06
C MET A 126 20.29 24.78 20.43
N SER A 127 21.19 25.37 19.67
CA SER A 127 21.69 26.70 20.01
C SER A 127 20.69 27.83 19.73
N ALA A 128 19.98 27.76 18.60
CA ALA A 128 19.11 28.88 18.22
C ALA A 128 17.94 29.08 19.17
N SER A 129 17.50 30.33 19.29
CA SER A 129 16.29 30.66 20.03
C SER A 129 15.10 30.07 19.26
N ASP A 130 13.93 30.00 19.90
CA ASP A 130 12.73 29.54 19.20
C ASP A 130 12.51 30.33 17.92
N ALA A 131 12.55 31.66 18.03
CA ALA A 131 12.27 32.51 16.87
C ALA A 131 13.25 32.24 15.73
N GLN A 132 14.54 32.16 16.05
CA GLN A 132 15.54 31.91 15.02
C GLN A 132 15.41 30.49 14.44
N PHE A 133 15.16 29.51 15.30
CA PHE A 133 15.04 28.14 14.78
C PHE A 133 13.84 28.01 13.83
N LEU A 134 12.73 28.65 14.17
CA LEU A 134 11.53 28.60 13.31
C LEU A 134 11.81 29.20 11.94
N LYS A 135 12.64 30.23 11.91
CA LYS A 135 13.07 30.80 10.63
C LYS A 135 14.00 29.86 9.89
N ASN A 136 14.84 29.12 10.63
CA ASN A 136 15.68 28.13 9.96
C ASN A 136 14.80 27.08 9.28
N GLU A 137 13.73 26.69 9.95
CA GLU A 137 12.82 25.69 9.42
C GLU A 137 12.18 26.16 8.12
N GLN A 138 11.84 27.44 8.06
CA GLN A 138 11.13 27.96 6.88
C GLN A 138 12.06 27.95 5.68
N ALA A 139 13.35 28.18 5.90
CA ALA A 139 14.32 28.12 4.80
C ALA A 139 14.36 26.68 4.23
N VAL A 140 14.34 25.71 5.14
CA VAL A 140 14.34 24.31 4.76
C VAL A 140 13.06 23.92 4.00
N PHE A 141 11.90 24.43 4.44
CA PHE A 141 10.66 24.15 3.73
C PHE A 141 10.66 24.74 2.32
N GLN A 142 11.16 25.96 2.20
CA GLN A 142 11.19 26.60 0.89
C GLN A 142 12.13 25.85 -0.06
N PHE A 143 13.28 25.42 0.47
CA PHE A 143 14.22 24.68 -0.35
C PHE A 143 13.65 23.32 -0.74
N THR A 144 13.01 22.65 0.21
CA THR A 144 12.41 21.36 -0.07
C THR A 144 11.35 21.49 -1.16
N ALA A 145 10.55 22.56 -1.06
CA ALA A 145 9.55 22.86 -2.08
C ALA A 145 10.18 22.97 -3.47
N GLU A 146 11.30 23.67 -3.57
CA GLU A 146 12.02 23.81 -4.81
C GLU A 146 12.51 22.45 -5.34
N LYS A 147 13.06 21.61 -4.47
CA LYS A 147 13.45 20.28 -4.85
C LYS A 147 12.32 19.40 -5.33
N PHE A 148 11.17 19.48 -4.68
CA PHE A 148 10.03 18.68 -5.01
C PHE A 148 9.55 19.01 -6.40
N LYS A 149 9.60 20.28 -6.74
CA LYS A 149 9.25 20.70 -8.10
C LYS A 149 10.21 20.08 -9.12
N GLU A 150 11.52 20.19 -8.86
CA GLU A 150 12.50 19.58 -9.77
C GLU A 150 12.33 18.07 -9.90
N TRP A 151 12.05 17.38 -8.80
CA TRP A 151 11.98 15.92 -8.83
C TRP A 151 10.59 15.38 -9.16
N GLY A 152 9.64 16.28 -9.42
CA GLY A 152 8.27 15.86 -9.70
C GLY A 152 7.55 15.19 -8.54
N LEU A 153 7.75 15.67 -7.31
CA LEU A 153 7.09 15.03 -6.16
C LEU A 153 5.99 15.90 -5.60
N THR A 154 4.99 15.28 -5.01
CA THR A 154 3.99 16.05 -4.26
C THR A 154 4.16 15.77 -2.76
N PRO A 155 4.07 16.82 -1.94
CA PRO A 155 4.27 16.69 -0.49
C PRO A 155 3.12 15.95 0.18
N ASN A 156 3.44 14.89 0.91
CA ASN A 156 2.44 14.14 1.67
C ASN A 156 3.15 13.26 2.69
N ARG A 157 2.39 12.47 3.45
CA ARG A 157 3.00 11.71 4.54
C ARG A 157 3.95 10.63 4.04
N LYS A 158 3.91 10.34 2.74
CA LYS A 158 4.83 9.39 2.11
C LYS A 158 6.09 10.06 1.59
N THR A 159 5.98 11.33 1.20
CA THR A 159 7.15 12.00 0.63
C THR A 159 7.84 12.93 1.63
N VAL A 160 7.18 13.24 2.73
CA VAL A 160 7.79 14.09 3.75
C VAL A 160 7.93 13.29 5.04
N ARG A 161 9.16 13.01 5.47
CA ARG A 161 9.39 12.00 6.51
C ARG A 161 10.21 12.48 7.71
N LEU A 162 10.14 11.72 8.79
CA LEU A 162 10.94 11.96 9.98
C LEU A 162 11.97 10.85 10.15
N HIS A 163 13.14 11.23 10.66
CA HIS A 163 14.23 10.33 10.96
C HIS A 163 13.68 9.18 11.81
N MET A 164 12.87 9.52 12.81
CA MET A 164 12.35 8.52 13.74
C MET A 164 11.42 7.49 13.09
N GLU A 165 11.09 7.67 11.81
CA GLU A 165 10.28 6.65 11.14
C GLU A 165 11.17 5.52 10.65
N PHE A 166 12.49 5.75 10.62
CA PHE A 166 13.42 4.75 10.09
C PHE A 166 14.19 3.99 11.17
N VAL A 167 14.53 4.68 12.26
CA VAL A 167 15.21 4.08 13.39
C VAL A 167 14.67 4.79 14.62
N PRO A 168 14.59 4.10 15.76
CA PRO A 168 14.00 4.77 16.93
C PRO A 168 14.96 5.80 17.51
N THR A 169 14.74 7.08 17.20
CA THR A 169 15.55 8.16 17.76
C THR A 169 14.62 9.29 18.16
N ALA A 170 15.18 10.33 18.75
CA ALA A 170 14.40 11.49 19.15
C ALA A 170 14.58 12.64 18.15
N CYS A 171 14.70 12.33 16.87
CA CYS A 171 14.87 13.34 15.89
C CYS A 171 13.67 13.38 14.97
N PRO A 172 13.15 14.54 14.66
CA PRO A 172 13.67 15.89 14.94
C PRO A 172 13.14 16.47 16.24
N HIS A 173 14.02 16.61 17.23
CA HIS A 173 13.63 16.95 18.59
C HIS A 173 13.03 18.35 18.73
N ARG A 174 13.64 19.34 18.06
CA ARG A 174 13.23 20.73 18.27
C ARG A 174 11.95 21.04 17.50
N SER A 175 11.90 20.60 16.24
CA SER A 175 10.67 20.72 15.45
C SER A 175 9.50 20.06 16.17
N MET A 176 9.73 18.87 16.72
CA MET A 176 8.62 18.16 17.34
C MET A 176 8.08 18.91 18.55
N VAL A 177 8.96 19.43 19.40
CA VAL A 177 8.46 20.08 20.61
C VAL A 177 7.75 21.40 20.28
N LEU A 178 8.25 22.14 19.30
CA LEU A 178 7.62 23.42 18.91
C LEU A 178 6.27 23.23 18.20
N HIS A 179 6.16 22.17 17.41
CA HIS A 179 4.96 22.01 16.60
C HIS A 179 3.94 21.04 17.16
N THR A 180 4.31 20.27 18.19
CA THR A 180 3.37 19.31 18.79
C THR A 180 3.23 19.47 20.29
N GLY A 181 4.23 20.06 20.93
CA GLY A 181 4.24 20.19 22.38
C GLY A 181 4.83 18.95 23.05
N PHE A 182 5.10 17.92 22.26
CA PHE A 182 5.70 16.69 22.79
C PHE A 182 7.22 16.72 22.62
N ASN A 183 7.94 16.48 23.71
CA ASN A 183 9.40 16.51 23.68
C ASN A 183 10.00 15.11 23.68
N PRO A 184 10.43 14.61 22.50
CA PRO A 184 10.89 13.22 22.45
C PRO A 184 12.21 13.00 23.20
N VAL A 185 12.93 14.07 23.52
CA VAL A 185 14.17 13.93 24.31
C VAL A 185 13.86 13.43 25.74
N THR A 186 12.79 13.94 26.33
CA THR A 186 12.47 13.63 27.72
C THR A 186 11.23 12.73 27.91
N GLN A 187 10.44 12.56 26.86
CA GLN A 187 9.20 11.81 26.96
C GLN A 187 9.20 10.50 26.19
N GLY A 188 10.32 10.18 25.55
CA GLY A 188 10.40 8.95 24.78
C GLY A 188 9.75 9.00 23.40
N ARG A 189 9.46 7.82 22.84
CA ARG A 189 8.92 7.73 21.49
C ARG A 189 7.50 8.28 21.44
N PRO A 190 7.23 9.16 20.46
CA PRO A 190 5.87 9.72 20.37
C PRO A 190 4.93 8.74 19.67
N SER A 191 3.63 8.90 19.90
CA SER A 191 2.62 8.13 19.16
C SER A 191 2.60 8.54 17.70
N GLN A 192 1.93 7.74 16.88
CA GLN A 192 1.77 8.02 15.45
C GLN A 192 1.03 9.35 15.22
N ALA A 193 0.06 9.65 16.07
CA ALA A 193 -0.68 10.91 15.96
C ALA A 193 0.22 12.13 16.19
N ILE A 194 1.16 12.02 17.13
CA ILE A 194 2.10 13.09 17.38
C ILE A 194 3.02 13.28 16.16
N MET A 195 3.56 12.17 15.66
CA MET A 195 4.39 12.20 14.46
C MET A 195 3.64 12.83 13.28
N ASN A 196 2.37 12.45 13.11
CA ASN A 196 1.56 12.98 12.01
C ASN A 196 1.22 14.45 12.14
N LYS A 197 1.02 14.89 13.38
CA LYS A 197 0.81 16.33 13.62
C LYS A 197 2.01 17.11 13.09
N LEU A 198 3.21 16.60 13.36
CA LEU A 198 4.41 17.29 12.92
C LEU A 198 4.58 17.19 11.41
N LYS A 199 4.39 16.00 10.85
CA LYS A 199 4.53 15.82 9.40
C LYS A 199 3.53 16.68 8.66
N ASP A 200 2.30 16.75 9.17
CA ASP A 200 1.26 17.54 8.53
C ASP A 200 1.63 19.00 8.52
N TYR A 201 2.30 19.46 9.59
CA TYR A 201 2.78 20.84 9.61
C TYR A 201 3.88 21.05 8.55
N PHE A 202 4.88 20.17 8.50
CA PHE A 202 5.91 20.22 7.45
C PHE A 202 5.27 20.25 6.05
N ILE A 203 4.32 19.35 5.84
CA ILE A 203 3.66 19.20 4.55
C ILE A 203 2.92 20.46 4.13
N LYS A 204 2.20 21.09 5.07
CA LYS A 204 1.43 22.28 4.76
CA LYS A 204 1.43 22.27 4.75
C LYS A 204 2.34 23.40 4.29
N GLN A 205 3.46 23.57 4.98
CA GLN A 205 4.41 24.65 4.66
C GLN A 205 5.13 24.42 3.35
N ILE A 206 5.53 23.19 3.09
CA ILE A 206 6.19 22.88 1.84
C ILE A 206 5.21 23.14 0.71
N LYS A 207 3.96 22.75 0.93
CA LYS A 207 2.91 22.94 -0.07
C LYS A 207 2.68 24.42 -0.33
N ASN A 208 2.68 25.20 0.75
CA ASN A 208 2.56 26.63 0.63
C ASN A 208 3.64 27.21 -0.29
N TYR A 209 4.90 26.86 -0.05
CA TYR A 209 5.97 27.39 -0.90
C TYR A 209 5.89 26.89 -2.33
N MET A 210 5.40 25.68 -2.55
CA MET A 210 5.30 25.17 -3.93
C MET A 210 4.23 25.94 -4.69
N ASP A 211 3.15 26.27 -4.00
CA ASP A 211 2.07 27.03 -4.58
C ASP A 211 2.47 28.50 -4.77
N LYS A 212 3.46 28.93 -3.97
CA LYS A 212 3.94 30.31 -3.86
C LYS A 212 3.06 31.15 -2.92
N THR B 28 -31.11 -5.57 20.42
CA THR B 28 -30.29 -6.26 19.43
C THR B 28 -29.30 -7.22 20.09
N LEU B 29 -28.76 -6.83 21.23
CA LEU B 29 -27.75 -7.62 21.91
C LEU B 29 -28.31 -8.16 23.22
N LYS B 30 -28.53 -9.47 23.27
CA LYS B 30 -29.05 -10.10 24.47
C LYS B 30 -27.91 -10.44 25.44
N VAL B 31 -28.06 -10.01 26.70
CA VAL B 31 -27.10 -10.38 27.74
C VAL B 31 -27.77 -11.32 28.73
N SER B 32 -27.14 -12.47 28.98
CA SER B 32 -27.65 -13.41 29.97
C SER B 32 -26.74 -13.41 31.20
N LYS B 33 -27.23 -12.87 32.30
CA LYS B 33 -26.49 -12.90 33.55
C LYS B 33 -26.85 -14.18 34.31
N ASN B 34 -25.99 -15.18 34.19
CA ASN B 34 -26.25 -16.51 34.70
C ASN B 34 -24.94 -17.02 35.25
N HIS B 35 -24.65 -16.67 36.50
CA HIS B 35 -23.33 -16.86 37.09
C HIS B 35 -22.94 -18.32 37.39
N ILE B 36 -21.65 -18.61 37.25
CA ILE B 36 -21.17 -19.99 37.40
C ILE B 36 -21.38 -20.53 38.81
N ASN B 37 -21.23 -21.85 38.93
CA ASN B 37 -21.47 -22.58 40.16
C ASN B 37 -20.20 -22.60 41.04
N TYR B 38 -19.63 -21.41 41.24
CA TYR B 38 -18.37 -21.22 41.96
C TYR B 38 -18.25 -19.73 42.24
N THR B 39 -17.58 -19.38 43.33
CA THR B 39 -17.48 -17.97 43.71
C THR B 39 -16.04 -17.47 43.55
N MET B 40 -15.81 -16.59 42.58
CA MET B 40 -14.47 -16.09 42.32
C MET B 40 -14.05 -15.05 43.36
N ASP B 41 -12.75 -14.93 43.61
CA ASP B 41 -12.23 -13.92 44.52
C ASP B 41 -12.56 -12.48 44.12
N LYS B 42 -12.77 -11.64 45.12
CA LYS B 42 -12.99 -10.21 44.90
C LYS B 42 -11.69 -9.54 44.53
N ARG B 43 -11.78 -8.51 43.69
CA ARG B 43 -10.61 -7.76 43.24
C ARG B 43 -10.38 -6.55 44.16
N GLY B 44 -11.47 -5.93 44.63
CA GLY B 44 -11.37 -4.77 45.47
C GLY B 44 -11.29 -3.48 44.67
N LYS B 45 -11.45 -3.58 43.36
CA LYS B 45 -11.46 -2.42 42.47
C LYS B 45 -12.01 -2.81 41.10
N LYS B 46 -12.30 -1.82 40.28
CA LYS B 46 -12.84 -2.06 38.94
C LYS B 46 -11.79 -2.66 37.99
N PRO B 47 -12.24 -3.31 36.91
CA PRO B 47 -11.26 -3.86 35.98
C PRO B 47 -10.43 -2.74 35.37
N GLU B 48 -9.18 -3.04 35.05
CA GLU B 48 -8.27 -2.09 34.43
C GLU B 48 -8.53 -2.05 32.93
N GLY B 49 -9.30 -3.03 32.44
CA GLY B 49 -9.58 -3.14 31.02
C GLY B 49 -10.19 -4.47 30.61
N MET B 50 -10.10 -4.78 29.32
CA MET B 50 -10.68 -6.00 28.80
C MET B 50 -9.65 -6.73 27.96
N VAL B 51 -9.42 -8.00 28.28
CA VAL B 51 -8.65 -8.86 27.39
C VAL B 51 -9.62 -9.55 26.47
N ILE B 52 -9.35 -9.41 25.17
CA ILE B 52 -10.24 -9.95 24.17
C ILE B 52 -9.64 -11.24 23.63
N HIS B 53 -10.23 -12.37 24.04
CA HIS B 53 -9.74 -13.68 23.67
C HIS B 53 -10.51 -14.23 22.47
N ASN B 54 -9.97 -15.28 21.86
CA ASN B 54 -10.76 -16.17 21.00
C ASN B 54 -10.94 -17.46 21.79
N ASP B 55 -12.08 -18.12 21.66
CA ASP B 55 -12.30 -19.35 22.43
C ASP B 55 -11.50 -20.52 21.90
N ALA B 56 -11.00 -20.41 20.67
CA ALA B 56 -10.34 -21.53 20.00
C ALA B 56 -11.22 -22.77 20.12
N GLY B 57 -12.52 -22.58 19.87
CA GLY B 57 -13.49 -23.63 20.10
C GLY B 57 -14.62 -23.61 19.09
N ARG B 58 -15.72 -24.28 19.43
CA ARG B 58 -16.75 -24.59 18.44
C ARG B 58 -18.15 -24.28 18.95
N SER B 59 -18.24 -23.50 20.02
CA SER B 59 -19.53 -23.22 20.67
C SER B 59 -19.87 -21.75 20.67
N SER B 60 -21.16 -21.45 20.54
CA SER B 60 -21.67 -20.10 20.68
C SER B 60 -21.69 -19.70 22.15
N GLY B 61 -21.92 -18.42 22.41
CA GLY B 61 -22.07 -17.96 23.79
C GLY B 61 -23.16 -18.70 24.55
N GLN B 62 -24.31 -18.93 23.88
CA GLN B 62 -25.41 -19.68 24.49
C GLN B 62 -24.99 -21.10 24.85
N GLN B 63 -24.25 -21.73 23.95
CA GLN B 63 -23.83 -23.11 24.16
C GLN B 63 -22.86 -23.24 25.33
N TYR B 64 -21.92 -22.30 25.45
CA TYR B 64 -21.03 -22.29 26.62
C TYR B 64 -21.83 -22.15 27.91
N GLU B 65 -22.84 -21.27 27.88
CA GLU B 65 -23.69 -21.06 29.05
C GLU B 65 -24.40 -22.35 29.43
N ASN B 66 -25.00 -23.02 28.46
CA ASN B 66 -25.67 -24.30 28.71
C ASN B 66 -24.72 -25.31 29.37
N SER B 67 -23.50 -25.38 28.89
CA SER B 67 -22.49 -26.24 29.45
C SER B 67 -21.94 -25.89 30.79
N LEU B 68 -21.77 -24.62 31.00
CA LEU B 68 -20.87 -24.14 31.98
C LEU B 68 -21.42 -23.32 33.11
N ALA B 69 -22.61 -22.80 32.96
CA ALA B 69 -23.21 -22.01 34.02
C ALA B 69 -23.43 -22.85 35.28
N ASN B 70 -23.89 -24.06 35.08
CA ASN B 70 -24.09 -24.96 36.21
C ASN B 70 -23.22 -26.18 36.01
N ALA B 71 -21.97 -26.10 36.45
CA ALA B 71 -21.02 -27.18 36.19
C ALA B 71 -20.16 -27.44 37.43
N GLY B 72 -19.37 -28.51 37.39
CA GLY B 72 -18.49 -28.83 38.49
C GLY B 72 -17.17 -28.07 38.43
N TYR B 73 -16.50 -27.97 39.58
CA TYR B 73 -15.23 -27.26 39.66
C TYR B 73 -14.16 -27.77 38.67
N ALA B 74 -14.21 -29.05 38.33
CA ALA B 74 -13.21 -29.63 37.42
C ALA B 74 -13.22 -28.92 36.07
N ARG B 75 -14.38 -28.42 35.68
CA ARG B 75 -14.47 -27.69 34.43
C ARG B 75 -13.98 -26.26 34.61
N TYR B 76 -14.28 -25.64 35.74
CA TYR B 76 -13.82 -24.26 35.96
C TYR B 76 -12.30 -24.20 36.15
N ALA B 77 -11.73 -25.23 36.77
CA ALA B 77 -10.27 -25.27 36.99
C ALA B 77 -9.48 -25.31 35.67
N ASN B 78 -10.15 -25.66 34.58
CA ASN B 78 -9.53 -25.62 33.26
C ASN B 78 -9.47 -24.18 32.73
N GLY B 79 -10.11 -23.25 33.43
CA GLY B 79 -10.17 -21.87 32.98
C GLY B 79 -11.58 -21.41 32.67
N ILE B 80 -11.88 -20.15 33.02
CA ILE B 80 -13.22 -19.59 32.81
C ILE B 80 -13.14 -18.07 32.77
N ALA B 81 -13.60 -17.48 31.67
CA ALA B 81 -13.54 -16.05 31.49
C ALA B 81 -14.77 -15.40 32.11
N HIS B 82 -14.83 -14.07 32.11
CA HIS B 82 -16.00 -13.40 32.68
C HIS B 82 -17.16 -13.49 31.69
N TYR B 83 -16.83 -13.37 30.41
CA TYR B 83 -17.86 -13.20 29.36
C TYR B 83 -17.59 -14.03 28.12
N TYR B 84 -18.67 -14.53 27.52
CA TYR B 84 -18.56 -15.31 26.29
C TYR B 84 -19.53 -14.74 25.27
N GLY B 85 -18.98 -14.17 24.20
CA GLY B 85 -19.80 -13.48 23.21
C GLY B 85 -19.80 -14.10 21.82
N SER B 86 -20.97 -14.06 21.20
CA SER B 86 -21.12 -14.42 19.79
C SER B 86 -22.29 -13.57 19.29
N GLU B 87 -22.61 -13.64 18.00
CA GLU B 87 -23.59 -12.74 17.40
C GLU B 87 -24.89 -12.67 18.19
N GLY B 88 -25.25 -11.47 18.63
CA GLY B 88 -26.52 -11.26 19.31
C GLY B 88 -26.61 -11.76 20.74
N TYR B 89 -25.53 -12.31 21.28
CA TYR B 89 -25.61 -12.97 22.59
C TYR B 89 -24.31 -12.92 23.38
N VAL B 90 -24.39 -12.43 24.62
CA VAL B 90 -23.26 -12.48 25.52
C VAL B 90 -23.68 -13.12 26.84
N TRP B 91 -23.00 -14.21 27.20
CA TRP B 91 -23.23 -14.82 28.50
C TRP B 91 -22.25 -14.24 29.51
N GLU B 92 -22.77 -13.70 30.60
CA GLU B 92 -21.94 -13.24 31.71
C GLU B 92 -21.80 -14.37 32.74
N ALA B 93 -20.64 -15.04 32.73
CA ALA B 93 -20.37 -16.12 33.66
C ALA B 93 -19.99 -15.55 35.01
N ILE B 94 -19.28 -14.42 34.98
CA ILE B 94 -18.78 -13.76 36.18
C ILE B 94 -18.87 -12.25 36.00
N ASP B 95 -19.46 -11.55 36.97
CA ASP B 95 -19.50 -10.09 36.93
C ASP B 95 -18.10 -9.55 37.20
N ALA B 96 -17.46 -8.98 36.18
CA ALA B 96 -16.07 -8.55 36.29
C ALA B 96 -15.86 -7.32 37.17
N LYS B 97 -16.94 -6.59 37.47
CA LYS B 97 -16.83 -5.33 38.22
C LYS B 97 -15.95 -5.46 39.47
N ASN B 98 -16.18 -6.48 40.28
CA ASN B 98 -15.37 -6.70 41.47
C ASN B 98 -14.90 -8.15 41.63
N GLN B 99 -15.05 -8.97 40.61
CA GLN B 99 -14.57 -10.36 40.69
C GLN B 99 -13.57 -10.70 39.59
N ILE B 100 -12.60 -11.52 39.93
CA ILE B 100 -11.56 -11.92 38.97
C ILE B 100 -12.04 -13.10 38.16
N ALA B 101 -11.21 -13.54 37.23
CA ALA B 101 -11.48 -14.76 36.47
C ALA B 101 -10.16 -15.43 36.17
N TRP B 102 -10.25 -16.59 35.53
CA TRP B 102 -9.08 -17.37 35.19
C TRP B 102 -8.99 -17.44 33.68
N HIS B 103 -8.40 -16.42 33.06
CA HIS B 103 -8.41 -16.32 31.61
C HIS B 103 -7.05 -16.12 30.93
N THR B 104 -6.10 -15.52 31.63
CA THR B 104 -4.81 -15.23 30.99
C THR B 104 -3.69 -16.21 31.37
N GLY B 105 -3.99 -17.13 32.27
CA GLY B 105 -3.06 -18.20 32.59
C GLY B 105 -1.76 -17.78 33.26
N ASP B 106 -1.74 -16.57 33.84
CA ASP B 106 -0.54 -16.04 34.47
C ASP B 106 -0.67 -15.92 35.99
N GLY B 107 -1.34 -16.89 36.61
CA GLY B 107 -1.54 -16.89 38.05
C GLY B 107 -2.63 -15.94 38.51
N THR B 108 -2.61 -15.58 39.79
CA THR B 108 -3.60 -14.66 40.33
C THR B 108 -3.00 -13.56 41.23
N GLY B 109 -1.69 -13.34 41.09
CA GLY B 109 -1.03 -12.25 41.81
C GLY B 109 -1.52 -10.89 41.35
N ALA B 110 -1.14 -9.84 42.10
CA ALA B 110 -1.60 -8.49 41.84
C ALA B 110 -1.22 -7.96 40.46
N ASN B 111 -0.16 -8.52 39.88
CA ASN B 111 0.30 -8.08 38.57
C ASN B 111 -0.34 -8.83 37.41
N SER B 112 -1.07 -9.88 37.73
CA SER B 112 -1.62 -10.79 36.72
C SER B 112 -2.77 -10.18 35.93
N GLY B 113 -2.91 -10.62 34.68
CA GLY B 113 -4.07 -10.25 33.89
C GLY B 113 -5.35 -10.80 34.49
N ASN B 114 -5.24 -11.95 35.16
CA ASN B 114 -6.40 -12.56 35.82
C ASN B 114 -6.97 -11.65 36.89
N PHE B 115 -6.08 -10.97 37.60
CA PHE B 115 -6.49 -10.09 38.70
C PHE B 115 -6.91 -8.70 38.21
N ARG B 116 -6.19 -8.17 37.23
CA ARG B 116 -6.37 -6.78 36.83
C ARG B 116 -7.43 -6.55 35.77
N PHE B 117 -7.52 -7.49 34.82
CA PHE B 117 -8.35 -7.26 33.63
C PHE B 117 -9.59 -8.14 33.58
N ALA B 118 -10.65 -7.62 32.98
CA ALA B 118 -11.82 -8.43 32.66
C ALA B 118 -11.48 -9.27 31.43
N GLY B 119 -12.03 -10.47 31.32
CA GLY B 119 -11.77 -11.32 30.16
C GLY B 119 -13.03 -11.65 29.38
N ILE B 120 -13.01 -11.40 28.07
CA ILE B 120 -14.11 -11.82 27.22
C ILE B 120 -13.62 -12.71 26.06
N GLU B 121 -14.38 -13.75 25.71
CA GLU B 121 -14.00 -14.62 24.61
C GLU B 121 -14.92 -14.44 23.40
N VAL B 122 -14.33 -14.24 22.22
CA VAL B 122 -15.11 -14.27 20.98
C VAL B 122 -15.26 -15.73 20.63
N CYS B 123 -16.50 -16.21 20.57
CA CYS B 123 -16.74 -17.65 20.44
C CYS B 123 -16.73 -18.17 19.00
N GLN B 124 -16.70 -19.50 18.87
CA GLN B 124 -16.66 -20.17 17.56
C GLN B 124 -15.47 -19.76 16.72
N SER B 125 -14.36 -19.39 17.38
CA SER B 125 -13.21 -18.87 16.64
C SER B 125 -12.57 -19.91 15.71
N MET B 126 -12.92 -21.18 15.91
CA MET B 126 -12.54 -22.22 14.95
C MET B 126 -13.67 -22.72 14.06
N SER B 127 -14.85 -22.94 14.62
CA SER B 127 -15.94 -23.49 13.83
C SER B 127 -16.55 -22.50 12.84
N ALA B 128 -16.64 -21.23 13.24
CA ALA B 128 -17.35 -20.24 12.44
C ALA B 128 -16.66 -19.90 11.12
N SER B 129 -17.46 -19.65 10.09
CA SER B 129 -16.94 -19.14 8.83
C SER B 129 -16.40 -17.75 9.12
N ASP B 130 -15.61 -17.20 8.20
CA ASP B 130 -15.04 -15.86 8.38
C ASP B 130 -16.13 -14.83 8.63
N ALA B 131 -17.18 -14.87 7.82
CA ALA B 131 -18.28 -13.90 7.97
C ALA B 131 -18.92 -14.00 9.35
N GLN B 132 -19.22 -15.22 9.79
CA GLN B 132 -19.89 -15.40 11.08
C GLN B 132 -18.98 -14.99 12.25
N PHE B 133 -17.70 -15.33 12.17
CA PHE B 133 -16.78 -14.96 13.24
C PHE B 133 -16.68 -13.45 13.40
N LEU B 134 -16.59 -12.77 12.27
CA LEU B 134 -16.49 -11.32 12.27
C LEU B 134 -17.67 -10.67 12.97
N LYS B 135 -18.86 -11.23 12.76
CA LYS B 135 -20.07 -10.73 13.43
C LYS B 135 -20.06 -11.09 14.92
N ASN B 136 -19.48 -12.24 15.26
CA ASN B 136 -19.29 -12.58 16.68
C ASN B 136 -18.39 -11.55 17.36
N GLU B 137 -17.36 -11.10 16.63
CA GLU B 137 -16.45 -10.07 17.15
C GLU B 137 -17.18 -8.76 17.44
N GLN B 138 -18.02 -8.32 16.50
CA GLN B 138 -18.73 -7.05 16.66
C GLN B 138 -19.59 -7.06 17.91
N ALA B 139 -20.21 -8.21 18.19
CA ALA B 139 -20.98 -8.35 19.42
C ALA B 139 -20.10 -8.16 20.64
N VAL B 140 -18.89 -8.72 20.61
CA VAL B 140 -17.95 -8.55 21.71
C VAL B 140 -17.50 -7.08 21.84
N PHE B 141 -17.25 -6.43 20.71
CA PHE B 141 -16.91 -5.01 20.69
C PHE B 141 -18.04 -4.16 21.29
N GLN B 142 -19.27 -4.42 20.88
CA GLN B 142 -20.42 -3.66 21.39
C GLN B 142 -20.62 -3.90 22.88
N PHE B 143 -20.40 -5.14 23.32
CA PHE B 143 -20.53 -5.42 24.74
C PHE B 143 -19.43 -4.70 25.52
N THR B 144 -18.21 -4.79 25.04
CA THR B 144 -17.07 -4.19 25.72
C THR B 144 -17.26 -2.68 25.84
N ALA B 145 -17.84 -2.07 24.82
CA ALA B 145 -18.12 -0.64 24.84
C ALA B 145 -19.07 -0.32 25.99
N GLU B 146 -20.15 -1.08 26.11
CA GLU B 146 -21.12 -0.86 27.19
C GLU B 146 -20.46 -1.01 28.57
N LYS B 147 -19.54 -1.95 28.69
CA LYS B 147 -18.85 -2.19 29.94
C LYS B 147 -17.87 -1.07 30.28
N PHE B 148 -17.16 -0.55 29.30
CA PHE B 148 -16.22 0.54 29.47
C PHE B 148 -16.92 1.82 29.98
N LYS B 149 -18.16 2.01 29.54
CA LYS B 149 -19.02 3.04 30.03
C LYS B 149 -19.33 2.87 31.50
N GLU B 150 -19.68 1.67 31.94
CA GLU B 150 -19.96 1.37 33.33
C GLU B 150 -18.76 1.52 34.22
N TRP B 151 -17.61 1.14 33.73
CA TRP B 151 -16.38 1.15 34.50
C TRP B 151 -15.62 2.47 34.35
N GLY B 152 -16.19 3.39 33.57
CA GLY B 152 -15.55 4.66 33.30
C GLY B 152 -14.17 4.51 32.67
N LEU B 153 -14.08 3.70 31.62
CA LEU B 153 -12.82 3.43 30.94
C LEU B 153 -12.85 3.94 29.51
N THR B 154 -11.68 4.26 28.96
CA THR B 154 -11.58 4.58 27.54
C THR B 154 -10.67 3.58 26.81
N PRO B 155 -11.13 3.10 25.63
CA PRO B 155 -10.36 2.14 24.84
C PRO B 155 -9.07 2.71 24.31
N ASN B 156 -7.98 2.06 24.65
CA ASN B 156 -6.64 2.43 24.19
C ASN B 156 -5.73 1.24 24.43
N ARG B 157 -4.44 1.39 24.13
CA ARG B 157 -3.52 0.26 24.24
C ARG B 157 -3.29 -0.26 25.64
N LYS B 158 -3.77 0.46 26.65
CA LYS B 158 -3.63 0.02 28.04
C LYS B 158 -4.87 -0.72 28.51
N THR B 159 -6.02 -0.36 27.97
CA THR B 159 -7.29 -0.93 28.41
C THR B 159 -7.79 -2.08 27.53
N VAL B 160 -7.30 -2.15 26.29
CA VAL B 160 -7.72 -3.19 25.34
C VAL B 160 -6.54 -4.11 25.03
N ARG B 161 -6.58 -5.33 25.57
CA ARG B 161 -5.39 -6.19 25.62
C ARG B 161 -5.56 -7.54 24.93
N LEU B 162 -4.42 -8.19 24.67
CA LEU B 162 -4.39 -9.53 24.09
C LEU B 162 -3.84 -10.51 25.12
N HIS B 163 -4.35 -11.74 25.08
CA HIS B 163 -3.91 -12.82 25.95
C HIS B 163 -2.39 -13.01 25.84
N MET B 164 -1.87 -12.94 24.63
CA MET B 164 -0.44 -13.15 24.41
C MET B 164 0.46 -12.04 24.98
N GLU B 165 -0.13 -11.00 25.55
CA GLU B 165 0.66 -9.96 26.20
C GLU B 165 1.07 -10.42 27.60
N PHE B 166 0.36 -11.42 28.12
CA PHE B 166 0.61 -11.90 29.47
C PHE B 166 1.39 -13.21 29.54
N VAL B 167 1.09 -14.13 28.63
CA VAL B 167 1.82 -15.39 28.53
C VAL B 167 2.07 -15.69 27.06
N PRO B 168 3.18 -16.38 26.74
CA PRO B 168 3.45 -16.64 25.33
C PRO B 168 2.47 -17.69 24.80
N THR B 169 1.44 -17.26 24.07
CA THR B 169 0.49 -18.19 23.49
C THR B 169 0.00 -17.67 22.14
N ALA B 170 -0.82 -18.44 21.43
CA ALA B 170 -1.23 -18.01 20.10
C ALA B 170 -2.63 -17.39 20.10
N CYS B 171 -3.03 -16.77 21.19
CA CYS B 171 -4.37 -16.22 21.29
C CYS B 171 -4.34 -14.71 21.31
N PRO B 172 -5.22 -14.04 20.60
CA PRO B 172 -6.36 -14.57 19.85
C PRO B 172 -6.06 -14.89 18.39
N HIS B 173 -6.05 -16.19 18.07
CA HIS B 173 -5.55 -16.69 16.80
C HIS B 173 -6.38 -16.23 15.60
N ARG B 174 -7.70 -16.32 15.70
CA ARG B 174 -8.56 -16.02 14.56
C ARG B 174 -8.63 -14.52 14.29
N SER B 175 -8.82 -13.73 15.35
CA SER B 175 -8.83 -12.28 15.20
C SER B 175 -7.54 -11.83 14.56
N MET B 176 -6.43 -12.39 15.03
CA MET B 176 -5.14 -11.92 14.56
C MET B 176 -4.94 -12.19 13.08
N VAL B 177 -5.34 -13.37 12.60
CA VAL B 177 -5.07 -13.68 11.20
C VAL B 177 -6.00 -12.87 10.27
N LEU B 178 -7.23 -12.64 10.70
CA LEU B 178 -8.19 -11.89 9.90
C LEU B 178 -7.87 -10.41 9.82
N HIS B 179 -7.29 -9.87 10.90
CA HIS B 179 -7.07 -8.43 10.95
C HIS B 179 -5.63 -7.99 10.72
N THR B 180 -4.69 -8.94 10.66
CA THR B 180 -3.29 -8.58 10.41
C THR B 180 -2.66 -9.43 9.31
N GLY B 181 -3.27 -10.57 9.00
CA GLY B 181 -2.72 -11.45 8.00
C GLY B 181 -1.67 -12.40 8.56
N PHE B 182 -1.29 -12.18 9.81
CA PHE B 182 -0.31 -13.04 10.49
C PHE B 182 -1.02 -14.14 11.28
N ASN B 183 -0.62 -15.40 11.06
CA ASN B 183 -1.22 -16.53 11.78
C ASN B 183 -0.32 -17.06 12.89
N PRO B 184 -0.61 -16.70 14.14
CA PRO B 184 0.30 -17.10 15.22
C PRO B 184 0.28 -18.61 15.44
N VAL B 185 -0.76 -19.28 14.94
CA VAL B 185 -0.79 -20.75 15.06
C VAL B 185 0.36 -21.42 14.30
N THR B 186 0.67 -20.92 13.12
CA THR B 186 1.65 -21.56 12.24
C THR B 186 2.96 -20.77 12.13
N GLN B 187 2.93 -19.50 12.49
CA GLN B 187 4.08 -18.63 12.30
C GLN B 187 4.77 -18.23 13.61
N GLY B 188 4.22 -18.69 14.74
CA GLY B 188 4.83 -18.42 16.03
C GLY B 188 4.48 -17.05 16.62
N ARG B 189 5.34 -16.54 17.50
CA ARG B 189 5.05 -15.27 18.16
C ARG B 189 5.16 -14.08 17.20
N PRO B 190 4.13 -13.22 17.17
CA PRO B 190 4.15 -12.06 16.28
C PRO B 190 4.99 -10.93 16.87
N SER B 191 5.47 -10.04 16.02
CA SER B 191 6.20 -8.85 16.46
C SER B 191 5.28 -7.94 17.25
N GLN B 192 5.85 -6.98 17.97
CA GLN B 192 5.05 -5.96 18.67
C GLN B 192 4.14 -5.20 17.71
N ALA B 193 4.59 -5.00 16.47
CA ALA B 193 3.83 -4.22 15.50
C ALA B 193 2.57 -4.94 14.99
N ILE B 194 2.69 -6.24 14.74
CA ILE B 194 1.55 -7.06 14.39
C ILE B 194 0.52 -7.00 15.53
N MET B 195 1.00 -7.07 16.76
CA MET B 195 0.12 -7.03 17.92
C MET B 195 -0.62 -5.70 18.00
N ASN B 196 0.09 -4.61 17.73
CA ASN B 196 -0.51 -3.28 17.79
C ASN B 196 -1.53 -3.04 16.68
N LYS B 197 -1.26 -3.59 15.51
CA LYS B 197 -2.21 -3.51 14.41
C LYS B 197 -3.55 -4.09 14.87
N LEU B 198 -3.49 -5.24 15.54
CA LEU B 198 -4.71 -5.91 15.98
C LEU B 198 -5.39 -5.13 17.12
N LYS B 199 -4.60 -4.68 18.09
CA LYS B 199 -5.15 -3.91 19.20
C LYS B 199 -5.84 -2.64 18.71
N ASP B 200 -5.18 -1.92 17.80
CA ASP B 200 -5.72 -0.68 17.26
C ASP B 200 -7.04 -0.93 16.52
N TYR B 201 -7.14 -2.06 15.86
CA TYR B 201 -8.41 -2.40 15.23
C TYR B 201 -9.50 -2.62 16.30
N PHE B 202 -9.17 -3.40 17.32
CA PHE B 202 -10.09 -3.63 18.45
C PHE B 202 -10.56 -2.30 19.05
N ILE B 203 -9.59 -1.44 19.31
CA ILE B 203 -9.84 -0.11 19.86
C ILE B 203 -10.79 0.74 19.01
N LYS B 204 -10.48 0.89 17.72
CA LYS B 204 -11.31 1.68 16.82
CA LYS B 204 -11.31 1.69 16.83
C LYS B 204 -12.75 1.17 16.76
N GLN B 205 -12.91 -0.16 16.79
CA GLN B 205 -14.24 -0.75 16.73
C GLN B 205 -15.00 -0.59 18.05
N ILE B 206 -14.30 -0.68 19.17
CA ILE B 206 -14.94 -0.44 20.46
C ILE B 206 -15.35 1.03 20.59
N LYS B 207 -14.46 1.92 20.18
CA LYS B 207 -14.75 3.36 20.17
C LYS B 207 -16.02 3.66 19.37
N ASN B 208 -16.10 3.10 18.16
CA ASN B 208 -17.28 3.25 17.32
C ASN B 208 -18.58 2.97 18.07
N TYR B 209 -18.59 1.93 18.89
CA TYR B 209 -19.79 1.59 19.64
C TYR B 209 -20.05 2.50 20.85
N MET B 210 -18.97 3.03 21.43
CA MET B 210 -19.11 3.99 22.53
C MET B 210 -19.69 5.32 22.04
N ASP B 211 -19.26 5.75 20.86
CA ASP B 211 -19.74 7.02 20.28
C ASP B 211 -21.17 6.90 19.74
N LYS B 212 -21.52 5.72 19.24
CA LYS B 212 -22.85 5.45 18.69
C LYS B 212 -23.94 5.57 19.74
N THR C 28 2.46 -30.55 -26.45
CA THR C 28 3.74 -30.05 -26.96
C THR C 28 3.64 -28.62 -27.51
N LEU C 29 4.74 -27.87 -27.36
CA LEU C 29 4.79 -26.48 -27.76
C LEU C 29 4.93 -26.30 -29.27
N LYS C 30 3.96 -25.63 -29.89
CA LYS C 30 4.05 -25.31 -31.32
C LYS C 30 4.73 -23.96 -31.57
N VAL C 31 5.65 -23.94 -32.53
CA VAL C 31 6.35 -22.72 -32.91
C VAL C 31 6.01 -22.38 -34.36
N SER C 32 5.42 -21.21 -34.57
CA SER C 32 5.08 -20.75 -35.91
C SER C 32 6.06 -19.68 -36.34
N LYS C 33 6.97 -20.02 -37.25
CA LYS C 33 7.87 -19.02 -37.82
C LYS C 33 7.12 -18.38 -38.96
N ASN C 34 6.58 -17.19 -38.71
CA ASN C 34 5.80 -16.50 -39.74
C ASN C 34 6.15 -15.02 -39.62
N HIS C 35 7.22 -14.62 -40.31
CA HIS C 35 7.84 -13.33 -40.07
C HIS C 35 7.02 -12.13 -40.54
N ILE C 36 7.09 -11.04 -39.78
CA ILE C 36 6.31 -9.85 -40.04
C ILE C 36 6.61 -9.27 -41.41
N ASN C 37 5.71 -8.40 -41.87
CA ASN C 37 5.75 -7.86 -43.22
C ASN C 37 6.61 -6.60 -43.22
N TYR C 38 7.84 -6.76 -42.74
CA TYR C 38 8.78 -5.67 -42.53
C TYR C 38 10.15 -6.27 -42.18
N THR C 39 11.24 -5.55 -42.48
CA THR C 39 12.59 -6.08 -42.24
C THR C 39 13.31 -5.30 -41.13
N MET C 40 13.52 -5.95 -40.00
CA MET C 40 14.23 -5.35 -38.88
C MET C 40 15.74 -5.31 -39.13
N ASP C 41 16.40 -4.29 -38.60
CA ASP C 41 17.86 -4.18 -38.73
C ASP C 41 18.59 -5.34 -38.08
N LYS C 42 19.77 -5.63 -38.59
CA LYS C 42 20.59 -6.71 -38.02
C LYS C 42 21.34 -6.23 -36.79
N ARG C 43 21.58 -7.15 -35.87
CA ARG C 43 22.31 -6.82 -34.64
C ARG C 43 23.81 -7.02 -34.85
N GLY C 44 24.18 -8.07 -35.58
CA GLY C 44 25.59 -8.36 -35.81
C GLY C 44 26.18 -9.22 -34.71
N LYS C 45 25.32 -9.74 -33.84
CA LYS C 45 25.74 -10.64 -32.77
C LYS C 45 24.49 -11.26 -32.13
N LYS C 46 24.68 -12.33 -31.37
CA LYS C 46 23.54 -13.00 -30.76
C LYS C 46 22.94 -12.19 -29.62
N PRO C 47 21.68 -12.49 -29.24
CA PRO C 47 21.07 -11.77 -28.13
C PRO C 47 21.88 -11.96 -26.84
N GLU C 48 21.83 -10.94 -25.98
CA GLU C 48 22.46 -10.96 -24.67
C GLU C 48 21.58 -11.70 -23.66
N GLY C 49 20.33 -11.94 -24.05
CA GLY C 49 19.36 -12.60 -23.19
C GLY C 49 17.94 -12.33 -23.66
N MET C 50 16.97 -12.48 -22.75
CA MET C 50 15.57 -12.35 -23.10
C MET C 50 14.86 -11.38 -22.16
N VAL C 51 14.16 -10.39 -22.71
CA VAL C 51 13.26 -9.59 -21.89
C VAL C 51 11.91 -10.28 -21.93
N ILE C 52 11.35 -10.57 -20.76
CA ILE C 52 10.06 -11.23 -20.69
C ILE C 52 8.95 -10.21 -20.39
N HIS C 53 8.12 -9.95 -21.39
CA HIS C 53 7.07 -8.94 -21.30
C HIS C 53 5.72 -9.57 -20.98
N ASN C 54 4.76 -8.75 -20.58
CA ASN C 54 3.35 -9.11 -20.67
C ASN C 54 2.74 -8.28 -21.81
N ASP C 55 1.78 -8.82 -22.55
CA ASP C 55 1.24 -8.07 -23.69
C ASP C 55 0.33 -6.94 -23.24
N ALA C 56 -0.12 -6.97 -21.99
CA ALA C 56 -1.10 -6.00 -21.51
C ALA C 56 -2.28 -5.97 -22.45
N GLY C 57 -2.67 -7.15 -22.94
CA GLY C 57 -3.72 -7.24 -23.94
C GLY C 57 -4.61 -8.46 -23.85
N ARG C 58 -5.26 -8.78 -24.97
CA ARG C 58 -6.41 -9.67 -24.95
C ARG C 58 -6.35 -10.77 -26.00
N SER C 59 -5.18 -10.94 -26.62
CA SER C 59 -5.05 -11.91 -27.71
C SER C 59 -4.07 -13.01 -27.37
N SER C 60 -4.35 -14.23 -27.85
CA SER C 60 -3.41 -15.33 -27.77
C SER C 60 -2.29 -15.13 -28.78
N GLY C 61 -1.27 -15.99 -28.68
CA GLY C 61 -0.15 -15.94 -29.61
C GLY C 61 -0.61 -16.07 -31.05
N GLN C 62 -1.55 -16.96 -31.29
CA GLN C 62 -2.03 -17.21 -32.64
C GLN C 62 -2.87 -16.04 -33.15
N GLN C 63 -3.62 -15.42 -32.25
CA GLN C 63 -4.41 -14.25 -32.64
C GLN C 63 -3.52 -13.06 -33.00
N TYR C 64 -2.40 -12.90 -32.30
CA TYR C 64 -1.47 -11.83 -32.65
C TYR C 64 -0.87 -12.11 -34.02
N GLU C 65 -0.48 -13.36 -34.25
CA GLU C 65 0.07 -13.76 -35.55
C GLU C 65 -0.91 -13.44 -36.68
N ASN C 66 -2.18 -13.79 -36.46
CA ASN C 66 -3.22 -13.50 -37.45
C ASN C 66 -3.42 -12.02 -37.74
N SER C 67 -3.22 -11.16 -36.74
CA SER C 67 -3.39 -9.73 -36.95
C SER C 67 -2.14 -9.05 -37.49
N LEU C 68 -0.97 -9.57 -37.13
CA LEU C 68 0.26 -8.80 -37.24
C LEU C 68 1.32 -9.38 -38.18
N ALA C 69 1.23 -10.67 -38.50
CA ALA C 69 2.25 -11.28 -39.36
C ALA C 69 2.25 -10.59 -40.73
N ASN C 70 1.05 -10.40 -41.28
CA ASN C 70 0.90 -9.70 -42.55
C ASN C 70 0.15 -8.40 -42.33
N ALA C 71 0.87 -7.35 -41.94
CA ALA C 71 0.22 -6.11 -41.55
C ALA C 71 1.01 -4.94 -42.09
N GLY C 72 0.44 -3.75 -41.98
CA GLY C 72 1.14 -2.56 -42.45
C GLY C 72 2.07 -2.01 -41.40
N TYR C 73 2.96 -1.11 -41.82
CA TYR C 73 3.97 -0.55 -40.93
C TYR C 73 3.38 0.26 -39.76
N ALA C 74 2.18 0.73 -39.92
CA ALA C 74 1.55 1.48 -38.87
C ALA C 74 1.35 0.64 -37.60
N ARG C 75 1.01 -0.62 -37.71
CA ARG C 75 1.01 -1.52 -36.60
C ARG C 75 2.38 -1.76 -36.00
N TYR C 76 3.41 -1.90 -36.81
CA TYR C 76 4.75 -2.20 -36.31
C TYR C 76 5.38 -0.96 -35.64
N ALA C 77 5.02 0.25 -36.10
CA ALA C 77 5.58 1.48 -35.56
C ALA C 77 5.27 1.65 -34.08
N ASN C 78 4.18 1.05 -33.62
CA ASN C 78 3.81 1.08 -32.20
C ASN C 78 4.49 0.01 -31.36
N GLY C 79 5.42 -0.74 -31.94
CA GLY C 79 6.11 -1.78 -31.19
C GLY C 79 5.83 -3.16 -31.74
N ILE C 80 6.85 -4.01 -31.76
CA ILE C 80 6.68 -5.39 -32.16
C ILE C 80 7.84 -6.17 -31.55
N ALA C 81 7.51 -7.21 -30.79
CA ALA C 81 8.52 -8.02 -30.13
C ALA C 81 8.94 -9.17 -31.06
N HIS C 82 9.97 -9.92 -30.67
CA HIS C 82 10.40 -11.06 -31.48
C HIS C 82 9.39 -12.21 -31.44
N TYR C 83 8.84 -12.45 -30.25
CA TYR C 83 8.03 -13.65 -30.00
C TYR C 83 6.77 -13.33 -29.21
N TYR C 84 5.70 -14.05 -29.50
CA TYR C 84 4.44 -13.92 -28.77
C TYR C 84 3.96 -15.29 -28.33
N GLY C 85 3.91 -15.52 -27.02
CA GLY C 85 3.65 -16.84 -26.49
C GLY C 85 2.40 -16.94 -25.62
N SER C 86 1.69 -18.06 -25.80
CA SER C 86 0.61 -18.43 -24.90
C SER C 86 0.59 -19.95 -24.88
N GLU C 87 -0.29 -20.54 -24.07
CA GLU C 87 -0.27 -21.99 -23.86
C GLU C 87 -0.20 -22.77 -25.17
N GLY C 88 0.83 -23.59 -25.30
CA GLY C 88 0.99 -24.47 -26.45
C GLY C 88 1.44 -23.81 -27.76
N TYR C 89 1.63 -22.49 -27.74
CA TYR C 89 1.88 -21.79 -29.01
C TYR C 89 2.78 -20.56 -28.88
N VAL C 90 3.83 -20.51 -29.71
CA VAL C 90 4.67 -19.32 -29.79
C VAL C 90 4.75 -18.89 -31.24
N TRP C 91 4.43 -17.61 -31.48
CA TRP C 91 4.58 -17.04 -32.80
C TRP C 91 5.92 -16.33 -32.87
N GLU C 92 6.76 -16.73 -33.81
CA GLU C 92 8.01 -16.01 -34.04
C GLU C 92 7.76 -14.94 -35.09
N ALA C 93 7.65 -13.69 -34.64
CA ALA C 93 7.42 -12.55 -35.51
C ALA C 93 8.75 -12.14 -36.14
N ILE C 94 9.81 -12.22 -35.36
CA ILE C 94 11.14 -11.83 -35.81
C ILE C 94 12.17 -12.79 -35.23
N ASP C 95 13.07 -13.30 -36.05
CA ASP C 95 14.11 -14.18 -35.55
C ASP C 95 15.16 -13.36 -34.80
N ALA C 96 15.25 -13.56 -33.50
CA ALA C 96 16.12 -12.74 -32.65
C ALA C 96 17.62 -13.03 -32.82
N LYS C 97 17.94 -14.17 -33.44
CA LYS C 97 19.34 -14.59 -33.60
C LYS C 97 20.25 -13.45 -34.05
N ASN C 98 19.89 -12.80 -35.15
CA ASN C 98 20.66 -11.66 -35.66
C ASN C 98 19.83 -10.41 -35.99
N GLN C 99 18.57 -10.36 -35.56
CA GLN C 99 17.75 -9.17 -35.79
C GLN C 99 17.17 -8.57 -34.52
N ILE C 100 17.07 -7.24 -34.48
CA ILE C 100 16.55 -6.56 -33.30
C ILE C 100 15.02 -6.49 -33.33
N ALA C 101 14.44 -5.86 -32.31
CA ALA C 101 13.00 -5.64 -32.30
C ALA C 101 12.71 -4.36 -31.57
N TRP C 102 11.44 -3.97 -31.52
CA TRP C 102 11.05 -2.74 -30.88
C TRP C 102 10.15 -3.12 -29.71
N HIS C 103 10.76 -3.34 -28.55
CA HIS C 103 10.03 -3.91 -27.44
C HIS C 103 10.29 -3.23 -26.10
N THR C 104 11.47 -2.63 -25.91
CA THR C 104 11.74 -1.99 -24.61
C THR C 104 11.60 -0.47 -24.59
N GLY C 105 11.34 0.13 -25.74
CA GLY C 105 10.99 1.54 -25.78
C GLY C 105 12.14 2.48 -25.45
N ASP C 106 13.37 2.00 -25.60
CA ASP C 106 14.53 2.80 -25.24
C ASP C 106 15.48 3.07 -26.41
N GLY C 107 14.91 3.26 -27.60
CA GLY C 107 15.72 3.58 -28.78
C GLY C 107 16.42 2.37 -29.38
N THR C 108 17.43 2.63 -30.21
CA THR C 108 18.12 1.54 -30.88
C THR C 108 19.63 1.64 -30.83
N GLY C 109 20.15 2.47 -29.92
CA GLY C 109 21.58 2.52 -29.70
C GLY C 109 22.13 1.21 -29.16
N ALA C 110 23.46 1.10 -29.18
CA ALA C 110 24.15 -0.14 -28.82
C ALA C 110 23.86 -0.61 -27.38
N ASN C 111 23.49 0.32 -26.52
CA ASN C 111 23.22 -0.05 -25.13
C ASN C 111 21.75 -0.25 -24.81
N SER C 112 20.89 -0.16 -25.84
CA SER C 112 19.44 -0.26 -25.63
C SER C 112 18.97 -1.70 -25.51
N GLY C 113 17.89 -1.90 -24.76
CA GLY C 113 17.27 -3.20 -24.67
C GLY C 113 16.86 -3.71 -26.05
N ASN C 114 16.38 -2.81 -26.90
CA ASN C 114 15.95 -3.19 -28.25
C ASN C 114 17.08 -3.80 -29.07
N PHE C 115 18.28 -3.25 -28.88
CA PHE C 115 19.44 -3.73 -29.63
C PHE C 115 20.03 -5.01 -29.01
N ARG C 116 20.13 -5.05 -27.68
CA ARG C 116 20.87 -6.12 -27.02
C ARG C 116 20.09 -7.42 -26.75
N PHE C 117 18.81 -7.27 -26.43
CA PHE C 117 18.03 -8.41 -25.93
C PHE C 117 16.93 -8.83 -26.87
N ALA C 118 16.62 -10.13 -26.85
CA ALA C 118 15.44 -10.65 -27.51
C ALA C 118 14.25 -10.31 -26.61
N GLY C 119 13.06 -10.20 -27.21
CA GLY C 119 11.87 -9.86 -26.46
C GLY C 119 10.75 -10.84 -26.72
N ILE C 120 10.18 -11.39 -25.65
CA ILE C 120 9.01 -12.26 -25.78
C ILE C 120 7.83 -11.74 -24.94
N GLU C 121 6.62 -11.81 -25.49
CA GLU C 121 5.44 -11.40 -24.73
C GLU C 121 4.62 -12.60 -24.24
N VAL C 122 4.31 -12.61 -22.95
CA VAL C 122 3.31 -13.53 -22.43
C VAL C 122 1.94 -12.91 -22.76
N CYS C 123 1.15 -13.61 -23.55
CA CYS C 123 -0.08 -13.02 -24.09
C CYS C 123 -1.30 -13.17 -23.18
N GLN C 124 -2.34 -12.39 -23.49
CA GLN C 124 -3.58 -12.40 -22.72
C GLN C 124 -3.37 -11.97 -21.27
N SER C 125 -2.43 -11.06 -21.04
CA SER C 125 -2.08 -10.73 -19.66
C SER C 125 -3.18 -9.95 -18.96
N MET C 126 -4.13 -9.41 -19.71
CA MET C 126 -5.34 -8.79 -19.12
C MET C 126 -6.55 -9.72 -19.17
N SER C 127 -6.80 -10.33 -20.35
CA SER C 127 -8.02 -11.10 -20.56
C SER C 127 -8.04 -12.46 -19.84
N ALA C 128 -6.89 -13.12 -19.81
CA ALA C 128 -6.82 -14.48 -19.28
C ALA C 128 -7.07 -14.53 -17.76
N SER C 129 -7.65 -15.65 -17.32
CA SER C 129 -7.80 -15.93 -15.90
C SER C 129 -6.40 -16.18 -15.34
N ASP C 130 -6.26 -16.15 -14.01
CA ASP C 130 -4.95 -16.43 -13.40
C ASP C 130 -4.41 -17.76 -13.90
N ALA C 131 -5.26 -18.79 -13.89
CA ALA C 131 -4.84 -20.14 -14.26
C ALA C 131 -4.36 -20.22 -15.72
N GLN C 132 -5.11 -19.58 -16.62
CA GLN C 132 -4.73 -19.60 -18.04
C GLN C 132 -3.46 -18.77 -18.27
N PHE C 133 -3.38 -17.62 -17.62
CA PHE C 133 -2.20 -16.79 -17.79
C PHE C 133 -0.94 -17.49 -17.30
N LEU C 134 -1.04 -18.22 -16.19
CA LEU C 134 0.13 -18.92 -15.66
C LEU C 134 0.57 -20.00 -16.65
N LYS C 135 -0.40 -20.60 -17.34
CA LYS C 135 -0.09 -21.57 -18.39
C LYS C 135 0.59 -20.89 -19.59
N ASN C 136 0.13 -19.70 -19.96
CA ASN C 136 0.79 -18.95 -21.02
C ASN C 136 2.24 -18.69 -20.65
N GLU C 137 2.48 -18.36 -19.38
CA GLU C 137 3.83 -18.11 -18.89
C GLU C 137 4.76 -19.30 -19.09
N GLN C 138 4.26 -20.49 -18.76
CA GLN C 138 5.09 -21.68 -18.82
C GLN C 138 5.53 -21.94 -20.25
N ALA C 139 4.63 -21.70 -21.20
CA ALA C 139 5.00 -21.84 -22.61
C ALA C 139 6.17 -20.92 -22.93
N VAL C 140 6.12 -19.70 -22.41
CA VAL C 140 7.20 -18.73 -22.62
C VAL C 140 8.51 -19.14 -21.97
N PHE C 141 8.45 -19.69 -20.76
CA PHE C 141 9.65 -20.17 -20.10
C PHE C 141 10.26 -21.34 -20.87
N GLN C 142 9.41 -22.22 -21.40
CA GLN C 142 9.93 -23.36 -22.14
C GLN C 142 10.59 -22.89 -23.43
N PHE C 143 9.95 -21.95 -24.11
CA PHE C 143 10.51 -21.45 -25.37
C PHE C 143 11.83 -20.72 -25.11
N THR C 144 11.88 -19.92 -24.03
CA THR C 144 13.08 -19.16 -23.73
C THR C 144 14.24 -20.12 -23.43
N ALA C 145 13.91 -21.22 -22.76
CA ALA C 145 14.88 -22.27 -22.47
C ALA C 145 15.50 -22.81 -23.75
N GLU C 146 14.66 -23.11 -24.73
CA GLU C 146 15.15 -23.60 -26.02
C GLU C 146 16.05 -22.55 -26.70
N LYS C 147 15.65 -21.28 -26.65
CA LYS C 147 16.46 -20.23 -27.27
C LYS C 147 17.80 -20.06 -26.56
N PHE C 148 17.81 -20.22 -25.24
CA PHE C 148 19.06 -20.10 -24.49
C PHE C 148 20.04 -21.21 -24.88
N LYS C 149 19.52 -22.41 -25.09
CA LYS C 149 20.30 -23.51 -25.69
C LYS C 149 20.99 -23.08 -26.99
N GLU C 150 20.19 -22.62 -27.95
CA GLU C 150 20.70 -22.26 -29.28
C GLU C 150 21.71 -21.14 -29.25
N TRP C 151 21.54 -20.20 -28.32
CA TRP C 151 22.37 -19.01 -28.24
C TRP C 151 23.51 -19.20 -27.25
N GLY C 152 23.50 -20.33 -26.54
CA GLY C 152 24.52 -20.63 -25.56
C GLY C 152 24.52 -19.69 -24.36
N LEU C 153 23.34 -19.44 -23.81
CA LEU C 153 23.23 -18.56 -22.64
C LEU C 153 22.77 -19.33 -21.41
N THR C 154 23.12 -18.79 -20.25
CA THR C 154 22.68 -19.31 -18.98
C THR C 154 21.72 -18.31 -18.36
N PRO C 155 20.55 -18.79 -17.88
CA PRO C 155 19.55 -17.92 -17.24
C PRO C 155 20.08 -17.39 -15.93
N ASN C 156 20.17 -16.06 -15.83
CA ASN C 156 20.57 -15.40 -14.60
C ASN C 156 20.06 -13.97 -14.63
N ARG C 157 20.45 -13.14 -13.66
CA ARG C 157 19.90 -11.80 -13.58
C ARG C 157 20.36 -10.85 -14.68
N LYS C 158 21.34 -11.28 -15.46
CA LYS C 158 21.83 -10.48 -16.59
C LYS C 158 21.19 -10.92 -17.91
N THR C 159 20.68 -12.14 -17.93
CA THR C 159 20.18 -12.71 -19.18
C THR C 159 18.65 -12.79 -19.20
N VAL C 160 18.04 -12.64 -18.03
CA VAL C 160 16.58 -12.68 -17.94
C VAL C 160 16.11 -11.35 -17.37
N ARG C 161 15.47 -10.52 -18.21
CA ARG C 161 15.26 -9.12 -17.84
C ARG C 161 13.80 -8.71 -17.85
N LEU C 162 13.50 -7.59 -17.19
CA LEU C 162 12.17 -7.01 -17.19
C LEU C 162 12.17 -5.71 -18.00
N HIS C 163 11.10 -5.48 -18.75
CA HIS C 163 10.88 -4.23 -19.49
C HIS C 163 11.19 -3.02 -18.61
N MET C 164 10.74 -3.08 -17.36
CA MET C 164 10.88 -1.93 -16.45
C MET C 164 12.32 -1.69 -15.99
N GLU C 165 13.24 -2.58 -16.34
CA GLU C 165 14.66 -2.32 -16.08
C GLU C 165 15.22 -1.30 -17.08
N PHE C 166 14.52 -1.11 -18.19
CA PHE C 166 15.03 -0.27 -19.27
C PHE C 166 14.37 1.10 -19.36
N VAL C 167 13.07 1.14 -19.08
CA VAL C 167 12.32 2.40 -19.00
C VAL C 167 11.28 2.21 -17.90
N PRO C 168 10.96 3.28 -17.15
CA PRO C 168 10.01 3.14 -16.04
C PRO C 168 8.60 2.86 -16.56
N THR C 169 8.14 1.62 -16.44
CA THR C 169 6.80 1.24 -16.88
C THR C 169 6.28 0.24 -15.88
N ALA C 170 5.04 -0.20 -16.08
CA ALA C 170 4.45 -1.18 -15.19
C ALA C 170 4.46 -2.59 -15.80
N CYS C 171 5.42 -2.90 -16.63
CA CYS C 171 5.43 -4.18 -17.29
C CYS C 171 6.62 -5.00 -16.81
N PRO C 172 6.45 -6.29 -16.52
CA PRO C 172 5.25 -7.13 -16.75
C PRO C 172 4.26 -7.10 -15.58
N HIS C 173 3.12 -6.45 -15.79
CA HIS C 173 2.19 -6.18 -14.70
C HIS C 173 1.57 -7.45 -14.12
N ARG C 174 1.17 -8.39 -14.96
CA ARG C 174 0.45 -9.57 -14.48
C ARG C 174 1.41 -10.56 -13.79
N SER C 175 2.56 -10.81 -14.42
CA SER C 175 3.56 -11.67 -13.81
C SER C 175 3.97 -11.12 -12.44
N MET C 176 4.22 -9.82 -12.37
CA MET C 176 4.68 -9.23 -11.12
C MET C 176 3.67 -9.39 -10.01
N VAL C 177 2.40 -9.16 -10.29
CA VAL C 177 1.42 -9.26 -9.20
C VAL C 177 1.21 -10.72 -8.76
N LEU C 178 1.21 -11.66 -9.70
CA LEU C 178 0.99 -13.06 -9.37
C LEU C 178 2.17 -13.66 -8.63
N HIS C 179 3.37 -13.20 -8.96
CA HIS C 179 4.58 -13.83 -8.43
C HIS C 179 5.25 -13.03 -7.31
N THR C 180 4.79 -11.80 -7.07
CA THR C 180 5.36 -11.01 -5.97
C THR C 180 4.32 -10.44 -5.03
N GLY C 181 3.08 -10.38 -5.49
CA GLY C 181 2.03 -9.76 -4.70
C GLY C 181 1.99 -8.25 -4.87
N PHE C 182 2.97 -7.69 -5.57
CA PHE C 182 3.04 -6.24 -5.76
C PHE C 182 2.49 -5.87 -7.13
N ASN C 183 1.57 -4.92 -7.17
CA ASN C 183 0.90 -4.55 -8.41
C ASN C 183 1.41 -3.21 -8.92
N PRO C 184 2.29 -3.23 -9.92
CA PRO C 184 2.89 -1.98 -10.39
C PRO C 184 1.86 -1.09 -11.07
N VAL C 185 0.72 -1.64 -11.48
CA VAL C 185 -0.32 -0.80 -12.10
C VAL C 185 -0.92 0.19 -11.10
N THR C 186 -1.20 -0.28 -9.89
CA THR C 186 -1.84 0.54 -8.87
C THR C 186 -0.90 1.04 -7.77
N GLN C 187 0.27 0.46 -7.66
CA GLN C 187 1.21 0.84 -6.63
C GLN C 187 2.48 1.54 -7.11
N GLY C 188 2.66 1.68 -8.41
CA GLY C 188 3.82 2.35 -8.95
C GLY C 188 5.10 1.55 -9.08
N ARG C 189 6.23 2.24 -9.14
CA ARG C 189 7.52 1.61 -9.39
C ARG C 189 7.90 0.69 -8.23
N PRO C 190 8.18 -0.63 -8.62
CA PRO C 190 8.62 -1.49 -7.52
C PRO C 190 10.07 -1.26 -7.13
N SER C 191 10.40 -1.70 -5.93
CA SER C 191 11.79 -1.78 -5.48
C SER C 191 12.59 -2.79 -6.27
N GLN C 192 13.88 -2.60 -6.28
CA GLN C 192 14.81 -3.58 -6.83
C GLN C 192 14.59 -4.98 -6.25
N ALA C 193 14.23 -5.05 -4.97
CA ALA C 193 13.98 -6.35 -4.34
C ALA C 193 12.76 -7.05 -4.92
N ILE C 194 11.69 -6.30 -5.18
CA ILE C 194 10.52 -6.90 -5.80
C ILE C 194 10.87 -7.35 -7.22
N MET C 195 11.62 -6.53 -7.94
CA MET C 195 12.03 -6.89 -9.30
C MET C 195 12.87 -8.18 -9.32
N ASN C 196 13.82 -8.29 -8.39
CA ASN C 196 14.64 -9.50 -8.29
C ASN C 196 13.83 -10.74 -7.90
N LYS C 197 12.84 -10.57 -7.04
CA LYS C 197 11.95 -11.68 -6.71
C LYS C 197 11.28 -12.23 -7.97
N LEU C 198 10.80 -11.32 -8.83
CA LEU C 198 10.19 -11.75 -10.07
C LEU C 198 11.22 -12.41 -10.99
N LYS C 199 12.36 -11.73 -11.21
CA LYS C 199 13.41 -12.27 -12.06
C LYS C 199 13.84 -13.68 -11.59
N ASP C 200 14.05 -13.83 -10.28
CA ASP C 200 14.49 -15.11 -9.73
C ASP C 200 13.46 -16.21 -10.02
N TYR C 201 12.18 -15.89 -9.93
CA TYR C 201 11.16 -16.86 -10.31
C TYR C 201 11.27 -17.23 -11.80
N PHE C 202 11.43 -16.22 -12.65
CA PHE C 202 11.61 -16.45 -14.08
C PHE C 202 12.83 -17.35 -14.34
N ILE C 203 13.95 -16.98 -13.72
CA ILE C 203 15.20 -17.71 -13.85
C ILE C 203 15.07 -19.20 -13.47
N LYS C 204 14.48 -19.49 -12.32
CA LYS C 204 14.32 -20.87 -11.86
CA LYS C 204 14.32 -20.87 -11.86
C LYS C 204 13.48 -21.68 -12.84
N GLN C 205 12.39 -21.09 -13.34
CA GLN C 205 11.52 -21.79 -14.27
C GLN C 205 12.22 -22.09 -15.61
N ILE C 206 12.97 -21.13 -16.12
CA ILE C 206 13.71 -21.34 -17.36
C ILE C 206 14.78 -22.43 -17.18
N LYS C 207 15.52 -22.38 -16.06
CA LYS C 207 16.47 -23.44 -15.72
C LYS C 207 15.81 -24.81 -15.72
N ASN C 208 14.62 -24.87 -15.12
CA ASN C 208 13.89 -26.13 -15.02
C ASN C 208 13.65 -26.74 -16.41
N TYR C 209 13.30 -25.91 -17.39
CA TYR C 209 13.09 -26.42 -18.73
C TYR C 209 14.37 -26.73 -19.49
N MET C 210 15.43 -26.07 -19.12
CA MET C 210 16.69 -26.35 -19.70
C MET C 210 17.27 -27.67 -19.21
N ASP C 211 17.12 -27.96 -17.93
CA ASP C 211 17.39 -29.27 -17.35
C ASP C 211 16.46 -30.35 -17.85
N LYS C 212 15.19 -30.01 -17.95
CA LYS C 212 14.17 -30.98 -18.26
C LYS C 212 14.01 -31.92 -17.10
N THR D 28 -31.01 1.40 -15.59
CA THR D 28 -31.30 1.80 -14.22
C THR D 28 -30.19 1.36 -13.26
N LEU D 29 -29.81 2.27 -12.36
CA LEU D 29 -28.65 2.04 -11.52
C LEU D 29 -29.07 1.60 -10.12
N LYS D 30 -28.63 0.41 -9.72
CA LYS D 30 -28.83 -0.04 -8.35
C LYS D 30 -27.62 0.36 -7.49
N VAL D 31 -27.90 0.96 -6.35
CA VAL D 31 -26.86 1.35 -5.40
C VAL D 31 -27.05 0.57 -4.10
N SER D 32 -26.06 -0.21 -3.73
CA SER D 32 -26.12 -0.98 -2.50
C SER D 32 -25.30 -0.31 -1.40
N LYS D 33 -25.99 0.19 -0.38
CA LYS D 33 -25.30 0.78 0.76
C LYS D 33 -25.08 -0.32 1.77
N ASN D 34 -23.88 -0.89 1.74
CA ASN D 34 -23.55 -2.03 2.58
C ASN D 34 -22.15 -1.83 3.12
N HIS D 35 -22.04 -1.09 4.21
CA HIS D 35 -20.75 -0.54 4.64
C HIS D 35 -19.79 -1.56 5.21
N ILE D 36 -18.50 -1.38 4.94
CA ILE D 36 -17.49 -2.34 5.38
C ILE D 36 -17.46 -2.52 6.89
N ASN D 37 -16.81 -3.59 7.30
CA ASN D 37 -16.72 -3.98 8.70
C ASN D 37 -15.53 -3.25 9.35
N TYR D 38 -15.57 -1.92 9.29
CA TYR D 38 -14.52 -1.05 9.81
C TYR D 38 -15.01 0.40 9.74
N THR D 39 -14.58 1.24 10.67
CA THR D 39 -15.06 2.62 10.74
C THR D 39 -13.97 3.60 10.32
N MET D 40 -14.06 4.09 9.08
CA MET D 40 -13.06 5.04 8.57
C MET D 40 -13.11 6.36 9.33
N ASP D 41 -11.96 7.01 9.42
CA ASP D 41 -11.85 8.33 10.01
C ASP D 41 -12.79 9.33 9.35
N LYS D 42 -13.25 10.30 10.12
CA LYS D 42 -14.08 11.35 9.54
C LYS D 42 -13.22 12.40 8.86
N ARG D 43 -13.75 13.03 7.83
CA ARG D 43 -13.01 14.07 7.12
C ARG D 43 -13.25 15.44 7.77
N GLY D 44 -14.49 15.67 8.20
CA GLY D 44 -14.85 16.93 8.85
C GLY D 44 -15.42 17.93 7.85
N LYS D 45 -15.57 17.47 6.61
CA LYS D 45 -16.07 18.30 5.54
C LYS D 45 -16.35 17.42 4.32
N LYS D 46 -17.02 17.98 3.32
CA LYS D 46 -17.40 17.22 2.13
C LYS D 46 -16.21 16.95 1.22
N PRO D 47 -16.34 15.97 0.30
CA PRO D 47 -15.24 15.67 -0.63
C PRO D 47 -14.99 16.84 -1.57
N GLU D 48 -13.77 17.01 -2.07
CA GLU D 48 -13.46 18.04 -3.06
C GLU D 48 -13.83 17.59 -4.46
N GLY D 49 -14.17 16.31 -4.61
CA GLY D 49 -14.40 15.73 -5.92
C GLY D 49 -14.24 14.23 -5.90
N MET D 50 -13.98 13.65 -7.08
CA MET D 50 -13.97 12.21 -7.22
C MET D 50 -12.72 11.77 -7.96
N VAL D 51 -12.01 10.80 -7.40
CA VAL D 51 -10.92 10.19 -8.15
C VAL D 51 -11.53 8.97 -8.82
N ILE D 52 -11.35 8.86 -10.13
CA ILE D 52 -11.92 7.75 -10.87
C ILE D 52 -10.82 6.73 -11.16
N HIS D 53 -10.90 5.59 -10.47
CA HIS D 53 -9.91 4.52 -10.60
C HIS D 53 -10.38 3.43 -11.55
N ASN D 54 -9.45 2.58 -11.96
CA ASN D 54 -9.79 1.27 -12.50
C ASN D 54 -9.39 0.25 -11.45
N ASP D 55 -10.16 -0.83 -11.30
CA ASP D 55 -9.83 -1.79 -10.25
C ASP D 55 -8.58 -2.60 -10.55
N ALA D 56 -8.13 -2.58 -11.81
CA ALA D 56 -7.00 -3.42 -12.23
C ALA D 56 -7.30 -4.86 -11.85
N GLY D 57 -8.56 -5.25 -11.99
CA GLY D 57 -9.01 -6.53 -11.47
C GLY D 57 -10.07 -7.22 -12.31
N ARG D 58 -10.77 -8.17 -11.70
CA ARG D 58 -11.58 -9.14 -12.43
C ARG D 58 -12.96 -9.31 -11.83
N SER D 59 -13.32 -8.46 -10.87
CA SER D 59 -14.60 -8.57 -10.17
C SER D 59 -15.55 -7.45 -10.51
N SER D 60 -16.85 -7.77 -10.54
CA SER D 60 -17.89 -6.76 -10.69
C SER D 60 -18.09 -6.06 -9.34
N GLY D 61 -18.87 -4.98 -9.33
CA GLY D 61 -19.17 -4.30 -8.08
C GLY D 61 -19.82 -5.23 -7.06
N GLN D 62 -20.73 -6.09 -7.52
CA GLN D 62 -21.43 -7.02 -6.62
C GLN D 62 -20.46 -8.02 -6.04
N GLN D 63 -19.51 -8.47 -6.86
CA GLN D 63 -18.55 -9.45 -6.38
C GLN D 63 -17.61 -8.88 -5.35
N TYR D 64 -17.23 -7.61 -5.49
CA TYR D 64 -16.39 -6.96 -4.47
C TYR D 64 -17.18 -6.82 -3.18
N GLU D 65 -18.44 -6.44 -3.31
CA GLU D 65 -19.30 -6.30 -2.15
C GLU D 65 -19.39 -7.62 -1.40
N ASN D 66 -19.63 -8.71 -2.12
CA ASN D 66 -19.78 -10.02 -1.48
C ASN D 66 -18.51 -10.46 -0.79
N SER D 67 -17.38 -9.96 -1.29
CA SER D 67 -16.10 -10.38 -0.78
C SER D 67 -15.58 -9.45 0.33
N LEU D 68 -16.01 -8.20 0.32
CA LEU D 68 -15.35 -7.18 1.14
C LEU D 68 -16.24 -6.48 2.16
N ALA D 69 -17.55 -6.53 1.97
CA ALA D 69 -18.46 -5.82 2.88
C ALA D 69 -18.25 -6.29 4.31
N ASN D 70 -18.14 -7.61 4.48
CA ASN D 70 -17.93 -8.16 5.80
C ASN D 70 -16.60 -8.91 5.82
N ALA D 71 -15.51 -8.18 6.04
CA ALA D 71 -14.18 -8.73 5.90
C ALA D 71 -13.30 -8.26 7.04
N GLY D 72 -12.10 -8.82 7.14
CA GLY D 72 -11.20 -8.45 8.22
C GLY D 72 -10.31 -7.30 7.81
N TYR D 73 -9.65 -6.69 8.79
CA TYR D 73 -8.83 -5.53 8.56
C TYR D 73 -7.64 -5.77 7.60
N ALA D 74 -7.14 -7.00 7.56
CA ALA D 74 -6.02 -7.32 6.68
C ALA D 74 -6.35 -7.00 5.22
N ARG D 75 -7.60 -7.23 4.83
CA ARG D 75 -8.00 -6.95 3.47
C ARG D 75 -8.18 -5.45 3.25
N TYR D 76 -8.84 -4.75 4.18
CA TYR D 76 -9.02 -3.30 4.05
C TYR D 76 -7.69 -2.56 3.99
N ALA D 77 -6.71 -3.03 4.76
CA ALA D 77 -5.38 -2.41 4.82
C ALA D 77 -4.63 -2.45 3.49
N ASN D 78 -5.03 -3.37 2.62
CA ASN D 78 -4.51 -3.39 1.24
C ASN D 78 -5.21 -2.35 0.33
N GLY D 79 -6.15 -1.60 0.89
CA GLY D 79 -6.84 -0.58 0.14
C GLY D 79 -8.33 -0.86 -0.01
N ILE D 80 -9.14 0.18 0.09
CA ILE D 80 -10.58 0.03 -0.05
C ILE D 80 -11.11 1.39 -0.45
N ALA D 81 -11.85 1.44 -1.55
CA ALA D 81 -12.35 2.71 -2.08
C ALA D 81 -13.72 2.95 -1.48
N HIS D 82 -14.29 4.14 -1.72
CA HIS D 82 -15.63 4.40 -1.21
C HIS D 82 -16.65 3.60 -2.02
N TYR D 83 -16.44 3.56 -3.33
CA TYR D 83 -17.43 3.02 -4.26
C TYR D 83 -16.81 2.07 -5.29
N TYR D 84 -17.56 1.03 -5.63
CA TYR D 84 -17.15 0.10 -6.68
C TYR D 84 -18.28 -0.03 -7.69
N GLY D 85 -18.01 0.35 -8.94
CA GLY D 85 -19.06 0.42 -9.95
C GLY D 85 -18.84 -0.50 -11.13
N SER D 86 -19.92 -1.10 -11.60
CA SER D 86 -19.94 -1.82 -12.85
C SER D 86 -21.35 -1.66 -13.39
N GLU D 87 -21.61 -2.15 -14.60
CA GLU D 87 -22.90 -1.90 -15.27
C GLU D 87 -24.10 -2.16 -14.38
N GLY D 88 -24.96 -1.16 -14.24
CA GLY D 88 -26.17 -1.30 -13.44
C GLY D 88 -26.00 -1.42 -11.91
N TYR D 89 -24.79 -1.34 -11.41
CA TYR D 89 -24.57 -1.61 -9.99
C TYR D 89 -23.42 -0.83 -9.34
N VAL D 90 -23.70 -0.17 -8.23
CA VAL D 90 -22.65 0.48 -7.46
C VAL D 90 -22.73 0.00 -6.03
N TRP D 91 -21.62 -0.53 -5.52
CA TRP D 91 -21.52 -0.88 -4.11
C TRP D 91 -20.91 0.30 -3.38
N GLU D 92 -21.65 0.85 -2.41
CA GLU D 92 -21.08 1.87 -1.52
C GLU D 92 -20.47 1.19 -0.30
N ALA D 93 -19.14 1.13 -0.26
CA ALA D 93 -18.43 0.51 0.85
C ALA D 93 -18.30 1.49 1.99
N ILE D 94 -18.15 2.76 1.63
CA ILE D 94 -17.95 3.83 2.60
C ILE D 94 -18.67 5.06 2.08
N ASP D 95 -19.44 5.72 2.93
CA ASP D 95 -20.12 6.95 2.52
C ASP D 95 -19.09 8.07 2.52
N ALA D 96 -18.78 8.59 1.34
CA ALA D 96 -17.72 9.60 1.22
C ALA D 96 -18.09 10.95 1.82
N LYS D 97 -19.37 11.19 2.06
CA LYS D 97 -19.83 12.51 2.54
C LYS D 97 -18.97 13.07 3.68
N ASN D 98 -18.70 12.24 4.67
CA ASN D 98 -17.85 12.68 5.79
C ASN D 98 -16.78 11.68 6.22
N GLN D 99 -16.57 10.62 5.44
CA GLN D 99 -15.52 9.66 5.74
C GLN D 99 -14.50 9.48 4.61
N ILE D 100 -13.25 9.26 4.99
CA ILE D 100 -12.20 9.08 4.00
C ILE D 100 -12.18 7.62 3.56
N ALA D 101 -11.27 7.28 2.64
CA ALA D 101 -11.06 5.90 2.23
C ALA D 101 -9.59 5.75 1.88
N TRP D 102 -9.18 4.54 1.53
CA TRP D 102 -7.79 4.26 1.23
C TRP D 102 -7.69 3.85 -0.23
N HIS D 103 -7.53 4.83 -1.12
CA HIS D 103 -7.65 4.56 -2.54
C HIS D 103 -6.50 5.10 -3.38
N THR D 104 -5.86 6.17 -2.91
CA THR D 104 -4.77 6.75 -3.70
C THR D 104 -3.36 6.47 -3.19
N GLY D 105 -3.24 5.74 -2.09
CA GLY D 105 -1.93 5.30 -1.61
C GLY D 105 -0.97 6.40 -1.15
N ASP D 106 -1.48 7.59 -0.88
CA ASP D 106 -0.59 8.69 -0.50
C ASP D 106 -0.77 9.07 0.96
N GLY D 107 -1.11 8.08 1.78
CA GLY D 107 -1.32 8.35 3.19
C GLY D 107 -2.64 9.08 3.41
N THR D 108 -2.80 9.65 4.58
CA THR D 108 -4.12 10.04 5.05
C THR D 108 -4.15 11.51 5.57
N GLY D 109 -3.08 12.24 5.29
CA GLY D 109 -2.99 13.63 5.71
C GLY D 109 -3.78 14.57 4.83
N ALA D 110 -3.84 15.84 5.22
CA ALA D 110 -4.76 16.81 4.62
C ALA D 110 -4.47 17.13 3.16
N ASN D 111 -3.29 16.77 2.68
CA ASN D 111 -2.99 17.05 1.28
C ASN D 111 -3.19 15.82 0.40
N SER D 112 -3.56 14.70 1.01
CA SER D 112 -3.66 13.44 0.27
C SER D 112 -4.97 13.30 -0.50
N GLY D 113 -4.96 12.50 -1.57
CA GLY D 113 -6.18 12.15 -2.27
C GLY D 113 -7.14 11.38 -1.37
N ASN D 114 -6.58 10.55 -0.49
CA ASN D 114 -7.39 9.76 0.44
C ASN D 114 -8.24 10.63 1.35
N PHE D 115 -7.70 11.77 1.75
CA PHE D 115 -8.42 12.67 2.64
C PHE D 115 -9.35 13.61 1.91
N ARG D 116 -8.89 14.18 0.80
CA ARG D 116 -9.64 15.24 0.13
C ARG D 116 -10.74 14.75 -0.80
N PHE D 117 -10.50 13.63 -1.48
CA PHE D 117 -11.39 13.17 -2.55
C PHE D 117 -12.10 11.86 -2.24
N ALA D 118 -13.31 11.71 -2.78
CA ALA D 118 -13.97 10.40 -2.80
C ALA D 118 -13.28 9.55 -3.85
N GLY D 119 -13.28 8.24 -3.69
CA GLY D 119 -12.69 7.35 -4.69
C GLY D 119 -13.68 6.31 -5.19
N ILE D 120 -13.78 6.18 -6.50
CA ILE D 120 -14.63 5.14 -7.08
C ILE D 120 -13.82 4.28 -8.05
N GLU D 121 -14.08 2.97 -8.06
CA GLU D 121 -13.41 2.10 -9.03
C GLU D 121 -14.36 1.64 -10.11
N VAL D 122 -13.92 1.78 -11.36
CA VAL D 122 -14.59 1.12 -12.48
C VAL D 122 -14.08 -0.31 -12.44
N CYS D 123 -14.97 -1.27 -12.27
CA CYS D 123 -14.60 -2.66 -12.01
C CYS D 123 -14.36 -3.50 -13.27
N GLN D 124 -13.70 -4.64 -13.08
CA GLN D 124 -13.38 -5.56 -14.18
C GLN D 124 -12.48 -4.93 -15.25
N SER D 125 -11.59 -4.02 -14.85
CA SER D 125 -10.83 -3.27 -15.85
C SER D 125 -9.82 -4.15 -16.58
N MET D 126 -9.60 -5.36 -16.07
CA MET D 126 -8.75 -6.32 -16.79
C MET D 126 -9.57 -7.42 -17.43
N SER D 127 -10.52 -7.98 -16.71
CA SER D 127 -11.26 -9.13 -17.23
C SER D 127 -12.26 -8.75 -18.34
N ALA D 128 -12.97 -7.64 -18.16
CA ALA D 128 -14.04 -7.27 -19.09
C ALA D 128 -13.55 -6.95 -20.51
N SER D 129 -14.41 -7.22 -21.49
CA SER D 129 -14.15 -6.81 -22.87
C SER D 129 -14.25 -5.30 -22.95
N ASP D 130 -13.80 -4.70 -24.05
CA ASP D 130 -13.87 -3.25 -24.20
C ASP D 130 -15.32 -2.76 -24.01
N ALA D 131 -16.25 -3.43 -24.68
CA ALA D 131 -17.66 -3.05 -24.64
C ALA D 131 -18.23 -3.08 -23.22
N GLN D 132 -18.01 -4.19 -22.53
CA GLN D 132 -18.47 -4.30 -21.14
C GLN D 132 -17.80 -3.26 -20.22
N PHE D 133 -16.50 -3.04 -20.40
CA PHE D 133 -15.82 -2.07 -19.56
C PHE D 133 -16.35 -0.65 -19.76
N LEU D 134 -16.56 -0.26 -21.02
CA LEU D 134 -17.13 1.04 -21.34
C LEU D 134 -18.47 1.24 -20.65
N LYS D 135 -19.24 0.15 -20.53
CA LYS D 135 -20.53 0.19 -19.87
C LYS D 135 -20.36 0.33 -18.35
N ASN D 136 -19.34 -0.33 -17.81
CA ASN D 136 -19.01 -0.15 -16.39
C ASN D 136 -18.66 1.32 -16.11
N GLU D 137 -17.92 1.93 -17.02
CA GLU D 137 -17.57 3.35 -16.88
C GLU D 137 -18.80 4.22 -16.79
N GLN D 138 -19.78 3.98 -17.66
CA GLN D 138 -20.97 4.83 -17.72
C GLN D 138 -21.73 4.79 -16.40
N ALA D 139 -21.76 3.62 -15.77
CA ALA D 139 -22.40 3.49 -14.47
C ALA D 139 -21.67 4.36 -13.45
N VAL D 140 -20.34 4.39 -13.56
CA VAL D 140 -19.53 5.18 -12.64
C VAL D 140 -19.76 6.68 -12.87
N PHE D 141 -19.85 7.08 -14.13
CA PHE D 141 -20.07 8.49 -14.47
C PHE D 141 -21.44 8.97 -13.97
N GLN D 142 -22.45 8.13 -14.14
CA GLN D 142 -23.79 8.46 -13.66
C GLN D 142 -23.82 8.58 -12.14
N PHE D 143 -23.23 7.60 -11.44
CA PHE D 143 -23.17 7.67 -9.98
C PHE D 143 -22.43 8.91 -9.51
N THR D 144 -21.30 9.20 -10.15
CA THR D 144 -20.52 10.39 -9.80
C THR D 144 -21.34 11.67 -9.99
N ALA D 145 -22.14 11.73 -11.05
CA ALA D 145 -22.98 12.91 -11.29
C ALA D 145 -23.95 13.10 -10.13
N GLU D 146 -24.57 12.00 -9.71
CA GLU D 146 -25.49 12.07 -8.57
C GLU D 146 -24.78 12.59 -7.31
N LYS D 147 -23.57 12.10 -7.05
CA LYS D 147 -22.84 12.54 -5.86
C LYS D 147 -22.48 14.01 -5.95
N PHE D 148 -22.05 14.44 -7.13
CA PHE D 148 -21.70 15.83 -7.32
C PHE D 148 -22.90 16.75 -7.03
N LYS D 149 -24.09 16.27 -7.40
CA LYS D 149 -25.32 17.01 -7.08
C LYS D 149 -25.51 17.13 -5.56
N GLU D 150 -25.35 16.03 -4.82
CA GLU D 150 -25.49 16.09 -3.36
C GLU D 150 -24.41 16.93 -2.67
N TRP D 151 -23.19 16.88 -3.17
CA TRP D 151 -22.06 17.56 -2.54
C TRP D 151 -21.91 19.00 -3.03
N GLY D 152 -22.73 19.40 -4.00
CA GLY D 152 -22.65 20.75 -4.52
C GLY D 152 -21.41 21.01 -5.36
N LEU D 153 -21.01 20.03 -6.15
CA LEU D 153 -19.80 20.17 -6.96
C LEU D 153 -20.15 20.20 -8.44
N THR D 154 -19.29 20.82 -9.24
CA THR D 154 -19.43 20.74 -10.68
C THR D 154 -18.18 20.08 -11.27
N PRO D 155 -18.37 19.23 -12.30
CA PRO D 155 -17.25 18.51 -12.89
C PRO D 155 -16.26 19.45 -13.59
N ASN D 156 -14.99 19.37 -13.19
CA ASN D 156 -13.91 20.09 -13.87
C ASN D 156 -12.57 19.47 -13.49
N ARG D 157 -11.48 20.05 -13.99
CA ARG D 157 -10.16 19.45 -13.77
C ARG D 157 -9.71 19.44 -12.32
N LYS D 158 -10.42 20.15 -11.47
CA LYS D 158 -10.11 20.16 -10.04
C LYS D 158 -10.93 19.14 -9.26
N THR D 159 -12.12 18.81 -9.77
CA THR D 159 -13.04 17.94 -9.04
C THR D 159 -13.07 16.50 -9.58
N VAL D 160 -12.59 16.32 -10.81
CA VAL D 160 -12.57 15.00 -11.44
C VAL D 160 -11.12 14.60 -11.69
N ARG D 161 -10.63 13.60 -10.95
CA ARG D 161 -9.19 13.35 -10.87
C ARG D 161 -8.78 11.91 -11.19
N LEU D 162 -7.49 11.73 -11.47
CA LEU D 162 -6.92 10.43 -11.72
C LEU D 162 -5.95 10.07 -10.59
N HIS D 163 -5.83 8.79 -10.30
CA HIS D 163 -4.96 8.28 -9.24
C HIS D 163 -3.52 8.76 -9.49
N MET D 164 -3.11 8.74 -10.76
CA MET D 164 -1.73 9.08 -11.09
C MET D 164 -1.40 10.56 -10.91
N GLU D 165 -2.38 11.38 -10.53
CA GLU D 165 -2.06 12.77 -10.16
C GLU D 165 -1.55 12.82 -8.73
N PHE D 166 -1.73 11.75 -7.98
CA PHE D 166 -1.36 11.74 -6.56
C PHE D 166 -0.12 10.92 -6.24
N VAL D 167 0.04 9.79 -6.92
CA VAL D 167 1.25 8.98 -6.80
C VAL D 167 1.55 8.48 -8.21
N PRO D 168 2.84 8.40 -8.57
CA PRO D 168 3.16 8.01 -9.96
C PRO D 168 2.77 6.55 -10.15
N THR D 169 1.67 6.32 -10.85
CA THR D 169 1.22 4.96 -11.05
C THR D 169 0.62 4.87 -12.44
N ALA D 170 0.18 3.68 -12.85
CA ALA D 170 -0.40 3.54 -14.19
C ALA D 170 -1.93 3.41 -14.09
N CYS D 171 -2.58 4.09 -13.17
CA CYS D 171 -4.00 4.02 -13.02
C CYS D 171 -4.63 5.36 -13.33
N PRO D 172 -5.69 5.39 -14.11
CA PRO D 172 -6.51 4.26 -14.58
C PRO D 172 -6.08 3.70 -15.94
N HIS D 173 -5.48 2.52 -15.92
CA HIS D 173 -4.86 1.94 -17.11
C HIS D 173 -5.86 1.69 -18.26
N ARG D 174 -7.01 1.12 -17.97
CA ARG D 174 -7.95 0.73 -19.02
C ARG D 174 -8.62 1.97 -19.62
N SER D 175 -9.14 2.84 -18.76
CA SER D 175 -9.77 4.08 -19.22
C SER D 175 -8.79 4.87 -20.08
N MET D 176 -7.53 4.93 -19.68
CA MET D 176 -6.57 5.75 -20.40
C MET D 176 -6.33 5.23 -21.81
N VAL D 177 -6.19 3.92 -21.95
CA VAL D 177 -5.85 3.41 -23.27
C VAL D 177 -7.06 3.50 -24.19
N LEU D 178 -8.25 3.33 -23.63
CA LEU D 178 -9.47 3.38 -24.43
C LEU D 178 -9.77 4.79 -24.91
N HIS D 179 -9.52 5.78 -24.06
CA HIS D 179 -9.94 7.13 -24.40
C HIS D 179 -8.82 8.04 -24.89
N THR D 180 -7.56 7.60 -24.79
CA THR D 180 -6.46 8.43 -25.30
C THR D 180 -5.56 7.69 -26.28
N GLY D 181 -5.62 6.37 -26.29
CA GLY D 181 -4.69 5.59 -27.10
C GLY D 181 -3.33 5.36 -26.45
N PHE D 182 -3.07 6.01 -25.31
CA PHE D 182 -1.79 5.82 -24.62
C PHE D 182 -1.95 4.71 -23.57
N ASN D 183 -0.99 3.79 -23.53
CA ASN D 183 -1.05 2.71 -22.54
C ASN D 183 -0.02 2.91 -21.43
N PRO D 184 -0.47 3.44 -20.28
CA PRO D 184 0.50 3.74 -19.23
C PRO D 184 1.17 2.48 -18.68
N VAL D 185 0.59 1.30 -18.94
CA VAL D 185 1.22 0.06 -18.47
C VAL D 185 2.50 -0.26 -19.23
N THR D 186 2.46 -0.07 -20.55
CA THR D 186 3.59 -0.43 -21.40
C THR D 186 4.43 0.78 -21.83
N GLN D 187 3.85 1.96 -21.77
CA GLN D 187 4.52 3.17 -22.26
C GLN D 187 5.00 4.13 -21.17
N GLY D 188 4.71 3.83 -19.90
CA GLY D 188 5.20 4.67 -18.81
C GLY D 188 4.31 5.86 -18.49
N ARG D 189 4.88 6.88 -17.86
CA ARG D 189 4.09 8.01 -17.40
C ARG D 189 3.60 8.86 -18.57
N PRO D 190 2.29 9.15 -18.61
CA PRO D 190 1.76 9.95 -19.72
C PRO D 190 2.08 11.41 -19.52
N SER D 191 2.16 12.16 -20.62
CA SER D 191 2.28 13.60 -20.56
C SER D 191 1.04 14.20 -19.91
N GLN D 192 1.14 15.47 -19.51
CA GLN D 192 0.02 16.20 -18.95
C GLN D 192 -1.13 16.26 -19.97
N ALA D 193 -0.78 16.41 -21.24
CA ALA D 193 -1.81 16.50 -22.28
C ALA D 193 -2.61 15.21 -22.43
N ILE D 194 -1.99 14.07 -22.20
CA ILE D 194 -2.71 12.80 -22.23
C ILE D 194 -3.63 12.70 -21.01
N MET D 195 -3.11 13.08 -19.85
CA MET D 195 -3.92 13.09 -18.63
C MET D 195 -5.13 14.02 -18.75
N ASN D 196 -4.93 15.19 -19.34
CA ASN D 196 -6.02 16.14 -19.50
C ASN D 196 -7.04 15.68 -20.53
N LYS D 197 -6.58 15.00 -21.56
CA LYS D 197 -7.52 14.43 -22.51
C LYS D 197 -8.46 13.45 -21.81
N LEU D 198 -7.90 12.63 -20.91
CA LEU D 198 -8.73 11.63 -20.24
C LEU D 198 -9.66 12.31 -19.24
N LYS D 199 -9.12 13.25 -18.47
CA LYS D 199 -9.93 13.99 -17.50
C LYS D 199 -11.07 14.72 -18.18
N ASP D 200 -10.77 15.36 -19.31
CA ASP D 200 -11.79 16.11 -20.05
C ASP D 200 -12.91 15.19 -20.49
N TYR D 201 -12.56 13.99 -20.96
CA TYR D 201 -13.59 13.02 -21.33
C TYR D 201 -14.46 12.66 -20.11
N PHE D 202 -13.82 12.31 -19.00
CA PHE D 202 -14.55 12.01 -17.75
C PHE D 202 -15.50 13.15 -17.39
N ILE D 203 -15.03 14.38 -17.45
CA ILE D 203 -15.75 15.59 -17.10
C ILE D 203 -16.98 15.81 -17.97
N LYS D 204 -16.79 15.67 -19.27
CA LYS D 204 -17.91 15.57 -20.24
CA LYS D 204 -17.90 15.55 -20.26
C LYS D 204 -19.06 14.50 -20.14
N GLN D 205 -18.63 13.30 -19.85
CA GLN D 205 -19.55 12.26 -19.49
C GLN D 205 -20.29 12.50 -18.17
N ILE D 206 -19.61 13.00 -17.16
CA ILE D 206 -20.26 13.34 -15.92
C ILE D 206 -21.27 14.48 -16.04
N LYS D 207 -20.89 15.52 -16.77
CA LYS D 207 -21.74 16.66 -17.01
C LYS D 207 -22.99 16.27 -17.73
N ASN D 208 -22.88 15.38 -18.68
CA ASN D 208 -24.00 14.92 -19.43
C ASN D 208 -25.05 14.23 -18.55
N TYR D 209 -24.61 13.47 -17.58
CA TYR D 209 -25.48 12.92 -16.54
C TYR D 209 -26.07 13.90 -15.55
N MET D 210 -25.37 14.96 -15.30
CA MET D 210 -25.90 16.00 -14.41
C MET D 210 -27.00 16.79 -15.10
N ASP D 211 -26.83 17.04 -16.39
CA ASP D 211 -27.82 17.76 -17.20
C ASP D 211 -29.03 16.89 -17.47
N LYS D 212 -28.79 15.65 -17.88
CA LYS D 212 -29.84 14.67 -18.08
C LYS D 212 -30.19 14.01 -16.75
ZN ZN E . 17.89 12.94 12.11
ZN ZN F . 27.45 28.39 21.33
ZN ZN G . 17.26 31.85 23.81
ZN ZN H . 13.48 8.88 -12.13
ZN ZN I . -6.92 -16.23 25.41
ZN ZN J . -6.62 -20.46 29.73
ZN ZN K . 4.06 -20.56 20.88
ZN ZN L . -13.30 -23.32 28.41
ZN ZN M . -6.32 -21.85 38.71
ZN ZN N . 7.07 -4.66 -21.86
ZN ZN O . 22.26 -3.30 -18.12
ZN ZN P . 1.38 -4.99 -30.54
ZN ZN Q . -12.72 -9.93 -24.93
ZN ZN R . -3.41 -17.94 -9.17
ZN ZN S . -3.94 1.35 -3.23
ZN ZN T . -11.57 -14.96 -14.59
ZN ZN U . -6.21 3.87 -8.70
MG MG V . -4.17 4.13 0.40
FE FE W . -0.86 14.87 3.27
#